data_9NPT
#
_entry.id   9NPT
#
_cell.length_a   1.00
_cell.length_b   1.00
_cell.length_c   1.00
_cell.angle_alpha   90.00
_cell.angle_beta   90.00
_cell.angle_gamma   90.00
#
_symmetry.space_group_name_H-M   'P 1'
#
loop_
_entity.id
_entity.type
_entity.pdbx_description
1 polymer Nanosota-MB1
2 polymer 'Envelope glycoprotein GP1'
3 polymer 'Envelope glycoprotein GP2'
4 branched beta-D-mannopyranose-(1-4)-2-acetamido-2-deoxy-beta-D-glucopyranose-(1-4)-2-acetamido-2-deoxy-beta-D-glucopyranose
5 branched alpha-D-mannopyranose-(1-3)-[alpha-D-mannopyranose-(1-6)]beta-D-mannopyranose-(1-4)-2-acetamido-2-deoxy-beta-D-glucopyranose-(1-4)-2-acetamido-2-deoxy-beta-D-glucopyranose
#
loop_
_entity_poly.entity_id
_entity_poly.type
_entity_poly.pdbx_seq_one_letter_code
_entity_poly.pdbx_strand_id
1 'polypeptide(L)'
;QVQLQESGGGLVQAGGSLRLSCTASRGTISLYAMAWFRQAPGKEREFVAAISRFYNDFIGYSTNYADSVRARFTISRDNA
ENTVYLLMNNLKPEDTASYYCAASTEWASESLQYGNWGHESSKYANWGQGTQVTVSSGGQHHHHHHGAYPYDVPDYAS
;
G,H,I
2 'polypeptide(L)'
;RAMKTIYFLISLILIQSIKTLPVLEIASNSQPQDVDSVCSGTLQKTEDVHLMGFTLSGQKVADSPLEASKRWAFRTGVPP
KNVEYTEGEEAKTCYNISVTDPSGKSLLLDPPSNIRDYPKCKTVHHIQGQNPHAQGIALHLWGAFFLYDRVASTTMYRGK
VFTEGNIAAMIVNKTVHRMIFSRQGQGYRHMNLTSTNKYWTSSNETQRNDTGCFGILQEYNSTNNQTCPPSLKPPSLPTV
TPSIHSTNTQINTAKSGT
;
A,C,E
3 'polypeptide(L)'
;RPPIYFRKKRSIFWKEGDIFPFLDGLINTEIDFDPIPNTETIFDESPSFNTSTNEEQHTPPNISLTFSYFPDKNGDTAYS
GENENDCDAELRIWSVQEDDLAAGLSWIPFFGPGIEGLYTAGLIKNQNNLVCRLRRLANQTAKSLELLLRVTTEERTFSL
INRIAIDFLLTRWGGTCKVLGPDCCIGIEDLSKNISEQIDKIRKDEQKEETGSGYIPEAPRDGQAYVRKDGEWVLLSTFL
GHHHHHH
;
B,D,F
#
loop_
_chem_comp.id
_chem_comp.type
_chem_comp.name
_chem_comp.formula
BMA D-saccharide, beta linking beta-D-mannopyranose 'C6 H12 O6'
MAN D-saccharide, alpha linking alpha-D-mannopyranose 'C6 H12 O6'
NAG D-saccharide, beta linking 2-acetamido-2-deoxy-beta-D-glucopyranose 'C8 H15 N O6'
#
# COMPACT_ATOMS: atom_id res chain seq x y z
N VAL A 2 19.26 1.03 48.43
CA VAL A 2 19.50 -0.20 49.18
C VAL A 2 18.18 -0.89 49.51
N GLN A 3 17.32 -0.20 50.25
CA GLN A 3 16.02 -0.76 50.61
C GLN A 3 15.04 -0.51 49.46
N LEU A 4 14.45 -1.57 48.93
CA LEU A 4 13.51 -1.50 47.83
C LEU A 4 12.13 -1.96 48.27
N GLN A 5 11.11 -1.52 47.54
CA GLN A 5 9.74 -1.91 47.82
C GLN A 5 8.94 -1.97 46.53
N GLU A 6 8.00 -2.91 46.48
CA GLU A 6 7.14 -3.14 45.33
C GLU A 6 5.73 -2.68 45.63
N SER A 7 5.00 -2.33 44.56
CA SER A 7 3.59 -1.96 44.67
C SER A 7 2.92 -2.15 43.32
N GLY A 8 1.61 -2.33 43.35
CA GLY A 8 0.80 -2.38 42.14
C GLY A 8 0.25 -3.74 41.76
N GLY A 9 0.52 -4.79 42.54
CA GLY A 9 -0.01 -6.10 42.21
C GLY A 9 -1.47 -6.25 42.61
N GLY A 10 -2.05 -7.37 42.18
CA GLY A 10 -3.44 -7.63 42.50
C GLY A 10 -4.01 -8.76 41.65
N LEU A 11 -5.34 -8.82 41.63
CA LEU A 11 -6.10 -9.85 40.94
C LEU A 11 -6.77 -9.26 39.71
N VAL A 12 -6.49 -9.84 38.54
CA VAL A 12 -7.09 -9.41 37.29
C VAL A 12 -7.58 -10.62 36.51
N GLN A 13 -8.43 -10.36 35.53
CA GLN A 13 -8.89 -11.39 34.62
C GLN A 13 -7.88 -11.60 33.50
N ALA A 14 -8.15 -12.61 32.66
CA ALA A 14 -7.30 -12.89 31.51
C ALA A 14 -7.43 -11.80 30.47
N GLY A 15 -6.29 -11.37 29.92
CA GLY A 15 -6.26 -10.28 28.96
C GLY A 15 -6.18 -8.90 29.57
N GLY A 16 -6.11 -8.79 30.90
CA GLY A 16 -6.06 -7.51 31.56
C GLY A 16 -4.66 -6.91 31.56
N SER A 17 -4.55 -5.77 32.23
CA SER A 17 -3.31 -5.02 32.30
C SER A 17 -3.07 -4.54 33.71
N LEU A 18 -1.79 -4.44 34.09
CA LEU A 18 -1.40 -3.91 35.39
C LEU A 18 -0.12 -3.11 35.24
N ARG A 19 0.20 -2.31 36.26
CA ARG A 19 1.43 -1.52 36.26
C ARG A 19 2.05 -1.61 37.65
N LEU A 20 3.25 -2.19 37.72
CA LEU A 20 3.98 -2.32 38.98
C LEU A 20 5.02 -1.22 39.12
N SER A 21 5.06 -0.63 40.30
CA SER A 21 6.06 0.36 40.67
C SER A 21 7.00 -0.23 41.70
N CYS A 22 8.25 0.21 41.67
CA CYS A 22 9.26 -0.21 42.63
C CYS A 22 10.06 1.02 43.02
N THR A 23 10.12 1.26 44.32
CA THR A 23 10.63 2.49 44.90
C THR A 23 11.74 2.18 45.90
N ALA A 24 12.77 3.02 45.90
CA ALA A 24 13.87 2.90 46.85
C ALA A 24 13.87 4.09 47.79
N SER A 25 14.02 3.82 49.08
CA SER A 25 13.92 4.85 50.11
C SER A 25 15.25 5.54 50.36
N ARG A 26 16.27 4.78 50.76
CA ARG A 26 17.58 5.33 51.07
C ARG A 26 18.62 4.99 50.01
N GLY A 27 18.18 4.66 48.80
CA GLY A 27 19.10 4.35 47.72
C GLY A 27 18.73 5.07 46.44
N THR A 28 19.71 5.60 45.74
CA THR A 28 19.49 6.24 44.45
C THR A 28 19.68 5.20 43.35
N ILE A 29 18.62 4.94 42.59
CA ILE A 29 18.64 3.85 41.61
C ILE A 29 19.33 4.23 40.32
N SER A 30 19.88 5.44 40.21
CA SER A 30 20.66 5.82 39.04
C SER A 30 22.09 5.28 39.10
N LEU A 31 22.46 4.58 40.17
CA LEU A 31 23.75 3.91 40.27
C LEU A 31 23.68 2.43 39.95
N TYR A 32 22.48 1.86 39.85
CA TYR A 32 22.30 0.42 39.74
C TYR A 32 21.51 0.08 38.48
N ALA A 33 21.71 -1.14 38.00
CA ALA A 33 20.84 -1.73 36.98
C ALA A 33 19.70 -2.47 37.67
N MET A 34 18.48 -2.28 37.16
CA MET A 34 17.30 -2.78 37.84
C MET A 34 16.71 -3.95 37.09
N ALA A 35 15.95 -4.78 37.80
CA ALA A 35 15.37 -5.97 37.18
C ALA A 35 14.11 -6.39 37.91
N TRP A 36 13.21 -7.02 37.16
CA TRP A 36 12.01 -7.65 37.69
C TRP A 36 12.08 -9.15 37.48
N PHE A 37 11.70 -9.90 38.52
CA PHE A 37 11.63 -11.35 38.52
C PHE A 37 10.25 -11.77 38.99
N ARG A 38 9.95 -13.07 38.84
CA ARG A 38 8.72 -13.62 39.38
C ARG A 38 8.97 -15.04 39.87
N GLN A 39 8.12 -15.48 40.79
CA GLN A 39 8.18 -16.84 41.31
C GLN A 39 6.77 -17.37 41.52
N ALA A 40 6.49 -18.52 40.97
CA ALA A 40 5.25 -19.27 41.16
C ALA A 40 5.40 -20.24 42.32
N PRO A 41 4.30 -20.62 42.98
CA PRO A 41 4.40 -21.66 44.02
C PRO A 41 4.74 -23.01 43.41
N GLY A 42 5.79 -23.64 43.95
CA GLY A 42 6.29 -24.89 43.42
C GLY A 42 7.26 -24.75 42.27
N LYS A 43 7.67 -23.53 41.91
CA LYS A 43 8.59 -23.29 40.82
C LYS A 43 9.73 -22.40 41.29
N GLU A 44 10.80 -22.38 40.51
CA GLU A 44 11.95 -21.54 40.79
C GLU A 44 11.66 -20.09 40.39
N ARG A 45 12.55 -19.19 40.79
CA ARG A 45 12.40 -17.77 40.55
C ARG A 45 13.02 -17.41 39.21
N GLU A 46 12.20 -16.93 38.29
CA GLU A 46 12.58 -16.77 36.88
C GLU A 46 12.75 -15.31 36.52
N PHE A 47 13.59 -15.07 35.50
CA PHE A 47 13.83 -13.73 34.99
C PHE A 47 12.61 -13.24 34.21
N VAL A 48 12.30 -11.95 34.36
CA VAL A 48 11.24 -11.31 33.58
C VAL A 48 11.83 -10.18 32.75
N ALA A 49 12.42 -9.18 33.42
CA ALA A 49 12.90 -8.02 32.68
C ALA A 49 14.08 -7.37 33.38
N ALA A 50 14.84 -6.57 32.64
CA ALA A 50 15.97 -5.85 33.19
C ALA A 50 16.22 -4.57 32.40
N ILE A 51 16.75 -3.56 33.08
CA ILE A 51 17.05 -2.26 32.49
C ILE A 51 18.37 -1.74 33.06
N SER A 52 19.16 -1.09 32.20
CA SER A 52 20.54 -0.72 32.47
C SER A 52 20.63 0.69 33.05
N ARG A 53 21.84 1.24 33.13
CA ARG A 53 22.10 2.41 33.95
C ARG A 53 22.61 3.63 33.16
N PHE A 54 23.27 3.43 32.02
CA PHE A 54 23.61 4.53 31.12
C PHE A 54 22.53 4.83 30.08
N TYR A 55 22.42 6.12 29.76
CA TYR A 55 21.71 6.62 28.59
C TYR A 55 22.68 6.68 27.41
N ASN A 56 22.12 6.69 26.20
CA ASN A 56 22.96 6.57 25.01
C ASN A 56 22.51 7.51 23.89
N ASP A 57 21.73 8.55 24.23
CA ASP A 57 20.99 9.40 23.30
C ASP A 57 20.05 8.55 22.46
N PHE A 58 20.53 8.06 21.32
CA PHE A 58 19.80 7.04 20.57
C PHE A 58 19.86 5.74 21.38
N ILE A 59 18.88 4.85 21.16
CA ILE A 59 18.55 3.60 21.88
C ILE A 59 18.51 3.67 23.42
N GLY A 60 18.71 4.85 24.01
CA GLY A 60 18.51 5.18 25.42
C GLY A 60 18.99 4.23 26.50
N TYR A 61 18.05 3.72 27.30
CA TYR A 61 18.33 2.75 28.35
C TYR A 61 18.20 1.34 27.79
N SER A 62 19.19 0.50 28.10
CA SER A 62 19.25 -0.85 27.55
C SER A 62 18.32 -1.78 28.32
N THR A 63 17.45 -2.48 27.60
CA THR A 63 16.46 -3.35 28.22
C THR A 63 16.67 -4.79 27.78
N ASN A 64 16.08 -5.71 28.54
CA ASN A 64 16.09 -7.13 28.20
C ASN A 64 14.84 -7.78 28.78
N TYR A 65 14.24 -8.68 28.00
CA TYR A 65 13.02 -9.38 28.38
C TYR A 65 13.21 -10.88 28.24
N ALA A 66 12.47 -11.64 29.06
CA ALA A 66 12.39 -13.08 28.88
C ALA A 66 11.49 -13.38 27.68
N ASP A 67 11.68 -14.58 27.11
CA ASP A 67 11.02 -14.92 25.85
C ASP A 67 9.51 -15.12 26.00
N SER A 68 9.05 -15.50 27.18
CA SER A 68 7.62 -15.67 27.39
C SER A 68 6.87 -14.36 27.51
N VAL A 69 7.58 -13.26 27.78
CA VAL A 69 6.95 -11.97 28.08
C VAL A 69 7.30 -10.90 27.05
N ARG A 70 7.92 -11.27 25.93
CA ARG A 70 8.21 -10.31 24.87
C ARG A 70 6.93 -9.86 24.18
N ALA A 71 6.93 -8.60 23.75
CA ALA A 71 5.84 -7.87 23.09
C ALA A 71 4.59 -7.72 23.95
N ARG A 72 4.68 -8.02 25.25
CA ARG A 72 3.58 -7.84 26.19
C ARG A 72 3.97 -6.97 27.39
N PHE A 73 5.18 -7.14 27.92
CA PHE A 73 5.61 -6.45 29.13
C PHE A 73 6.59 -5.36 28.74
N THR A 74 6.46 -4.18 29.37
CA THR A 74 7.33 -3.06 29.06
C THR A 74 7.90 -2.49 30.36
N ILE A 75 9.23 -2.48 30.46
CA ILE A 75 9.90 -1.95 31.64
C ILE A 75 10.22 -0.47 31.38
N SER A 76 10.36 0.31 32.46
CA SER A 76 10.69 1.73 32.36
C SER A 76 11.37 2.17 33.64
N ARG A 77 12.23 3.18 33.56
CA ARG A 77 12.82 3.79 34.74
C ARG A 77 12.60 5.30 34.69
N ASP A 78 12.22 5.90 35.82
CA ASP A 78 12.28 7.33 36.01
C ASP A 78 13.33 7.60 37.09
N ASN A 79 14.39 8.31 36.73
CA ASN A 79 15.49 8.60 37.64
C ASN A 79 15.16 9.70 38.64
N ALA A 80 14.43 10.73 38.21
CA ALA A 80 14.12 11.85 39.10
C ALA A 80 13.13 11.46 40.18
N GLU A 81 12.16 10.61 39.85
CA GLU A 81 11.24 10.07 40.84
C GLU A 81 11.81 8.86 41.57
N ASN A 82 12.99 8.37 41.13
CA ASN A 82 13.70 7.24 41.73
C ASN A 82 12.85 5.97 41.75
N THR A 83 12.22 5.69 40.60
CA THR A 83 11.29 4.58 40.50
C THR A 83 11.59 3.76 39.25
N VAL A 84 11.25 2.47 39.33
CA VAL A 84 11.29 1.59 38.16
C VAL A 84 9.93 0.91 38.03
N TYR A 85 9.39 0.89 36.81
CA TYR A 85 8.04 0.46 36.53
C TYR A 85 8.07 -0.71 35.55
N LEU A 86 7.03 -1.54 35.60
CA LEU A 86 6.81 -2.54 34.55
C LEU A 86 5.32 -2.61 34.29
N LEU A 87 4.94 -2.43 33.03
CA LEU A 87 3.56 -2.48 32.57
C LEU A 87 3.30 -3.84 31.93
N MET A 88 2.31 -4.57 32.44
CA MET A 88 1.93 -5.87 31.89
C MET A 88 0.67 -5.63 31.07
N ASN A 89 0.73 -5.96 29.78
CA ASN A 89 -0.42 -5.94 28.89
C ASN A 89 -0.69 -7.36 28.38
N ASN A 90 -1.98 -7.66 28.19
CA ASN A 90 -2.48 -8.95 27.69
C ASN A 90 -2.03 -10.11 28.59
N LEU A 91 -2.52 -10.08 29.83
CA LEU A 91 -2.15 -11.09 30.82
C LEU A 91 -2.83 -12.43 30.53
N LYS A 92 -2.05 -13.49 30.67
CA LYS A 92 -2.40 -14.91 30.63
C LYS A 92 -2.40 -15.48 32.03
N PRO A 93 -3.17 -16.55 32.29
CA PRO A 93 -3.16 -17.15 33.64
C PRO A 93 -1.87 -17.87 34.00
N GLU A 94 -0.93 -18.06 33.06
CA GLU A 94 0.39 -18.59 33.37
C GLU A 94 1.31 -17.55 33.98
N ASP A 95 0.90 -16.28 34.03
CA ASP A 95 1.68 -15.20 34.61
C ASP A 95 1.42 -15.01 36.10
N THR A 96 0.62 -15.87 36.71
CA THR A 96 0.26 -15.76 38.13
C THR A 96 1.46 -16.10 38.98
N ALA A 97 2.00 -15.10 39.69
CA ALA A 97 3.23 -15.28 40.46
C ALA A 97 3.37 -14.15 41.46
N SER A 98 4.34 -14.31 42.36
CA SER A 98 4.80 -13.22 43.21
C SER A 98 6.00 -12.56 42.53
N TYR A 99 5.88 -11.26 42.27
CA TYR A 99 6.87 -10.52 41.51
C TYR A 99 7.80 -9.78 42.46
N TYR A 100 9.08 -9.75 42.09
CA TYR A 100 10.16 -9.24 42.93
C TYR A 100 11.01 -8.24 42.16
N CYS A 101 11.58 -7.30 42.90
CA CYS A 101 12.37 -6.20 42.37
C CYS A 101 13.82 -6.35 42.82
N ALA A 102 14.76 -6.16 41.91
CA ALA A 102 16.16 -6.41 42.22
C ALA A 102 17.05 -5.34 41.61
N ALA A 103 18.21 -5.14 42.24
CA ALA A 103 19.21 -4.18 41.81
C ALA A 103 20.58 -4.85 41.75
N SER A 104 21.42 -4.36 40.83
CA SER A 104 22.78 -4.86 40.70
C SER A 104 23.74 -3.72 40.41
N THR A 105 24.93 -3.80 41.00
CA THR A 105 26.03 -2.91 40.66
C THR A 105 27.20 -3.66 40.03
N GLU A 106 27.06 -4.96 39.77
CA GLU A 106 28.13 -5.78 39.23
C GLU A 106 28.43 -5.38 37.77
N TRP A 107 27.45 -5.54 36.89
CA TRP A 107 27.50 -4.96 35.55
C TRP A 107 26.95 -3.54 35.54
N ALA A 108 26.60 -3.08 34.33
CA ALA A 108 26.13 -1.74 33.97
C ALA A 108 27.23 -0.70 34.05
N SER A 109 28.48 -1.13 34.03
CA SER A 109 29.60 -0.25 33.73
C SER A 109 29.85 -0.30 32.21
N GLU A 110 30.98 0.30 31.79
CA GLU A 110 31.40 0.47 30.39
C GLU A 110 30.31 1.21 29.63
N SER A 111 29.39 0.46 28.99
CA SER A 111 28.24 1.12 28.29
C SER A 111 27.30 0.11 27.63
N LEU A 112 26.64 0.52 26.54
CA LEU A 112 25.66 -0.34 25.81
C LEU A 112 25.81 -1.83 26.15
N GLN A 113 24.77 -2.41 26.78
CA GLN A 113 24.78 -3.87 27.07
C GLN A 113 23.90 -4.56 26.02
N TYR A 114 24.52 -5.22 25.03
CA TYR A 114 23.73 -5.85 23.93
C TYR A 114 23.58 -7.34 24.20
N GLY A 115 22.52 -7.94 23.65
CA GLY A 115 22.31 -9.39 23.79
C GLY A 115 21.89 -9.77 25.19
N ASN A 116 21.47 -11.02 25.38
CA ASN A 116 21.02 -11.49 26.72
C ASN A 116 22.00 -11.01 27.79
N TRP A 117 21.57 -10.07 28.64
CA TRP A 117 22.41 -9.60 29.72
C TRP A 117 21.58 -9.53 31.01
N GLY A 118 22.25 -9.79 32.13
CA GLY A 118 21.60 -9.76 33.43
C GLY A 118 20.52 -10.79 33.62
N HIS A 119 20.63 -11.92 32.93
CA HIS A 119 19.57 -12.94 32.95
C HIS A 119 19.66 -13.88 34.13
N GLU A 120 20.72 -13.82 34.92
CA GLU A 120 20.89 -14.72 36.06
C GLU A 120 20.37 -14.05 37.33
N SER A 121 20.59 -14.71 38.47
CA SER A 121 20.11 -14.23 39.76
C SER A 121 21.18 -14.14 40.84
N SER A 122 22.40 -14.61 40.57
CA SER A 122 23.43 -14.67 41.60
C SER A 122 24.09 -13.32 41.88
N LYS A 123 23.91 -12.33 41.00
CA LYS A 123 24.51 -11.02 41.19
C LYS A 123 23.53 -9.95 41.63
N TYR A 124 22.25 -10.15 41.38
CA TYR A 124 21.23 -9.24 41.90
C TYR A 124 21.10 -9.38 43.41
N ALA A 125 20.93 -8.24 44.08
CA ALA A 125 20.75 -8.20 45.52
C ALA A 125 19.62 -7.24 45.84
N ASN A 126 19.36 -7.07 47.15
CA ASN A 126 18.38 -6.14 47.69
C ASN A 126 16.96 -6.44 47.19
N TRP A 127 16.58 -7.70 47.31
CA TRP A 127 15.23 -8.13 46.93
C TRP A 127 14.19 -7.56 47.89
N GLY A 128 13.08 -7.08 47.33
CA GLY A 128 11.97 -6.62 48.13
C GLY A 128 11.09 -7.77 48.57
N GLN A 129 10.01 -7.40 49.28
CA GLN A 129 9.05 -8.39 49.74
C GLN A 129 8.17 -8.93 48.62
N GLY A 130 8.12 -8.24 47.48
CA GLY A 130 7.35 -8.71 46.34
C GLY A 130 5.88 -8.40 46.46
N THR A 131 5.18 -8.53 45.34
CA THR A 131 3.74 -8.33 45.31
C THR A 131 3.09 -9.45 44.51
N GLN A 132 1.86 -9.81 44.88
CA GLN A 132 1.19 -10.95 44.29
C GLN A 132 0.37 -10.49 43.08
N VAL A 133 0.62 -11.11 41.93
CA VAL A 133 -0.15 -10.87 40.72
C VAL A 133 -0.85 -12.17 40.37
N THR A 134 -2.18 -12.14 40.32
CA THR A 134 -2.99 -13.32 40.06
C THR A 134 -3.88 -13.05 38.86
N VAL A 135 -3.76 -13.87 37.83
CA VAL A 135 -4.57 -13.80 36.62
C VAL A 135 -5.42 -15.06 36.56
N SER A 136 -6.73 -14.89 36.71
CA SER A 136 -7.64 -16.03 36.74
C SER A 136 -9.01 -15.60 36.26
N SER A 137 -9.82 -16.56 35.86
CA SER A 137 -11.17 -16.31 35.39
C SER A 137 -12.17 -16.34 36.55
N GLY B 41 31.12 5.68 -25.60
CA GLY B 41 29.76 5.17 -25.63
C GLY B 41 29.69 3.65 -25.49
N THR B 42 29.90 3.18 -24.27
CA THR B 42 29.88 1.74 -23.98
C THR B 42 28.51 1.23 -23.52
N LEU B 43 27.53 2.12 -23.39
CA LEU B 43 26.16 1.70 -23.09
C LEU B 43 25.49 1.20 -24.36
N GLN B 44 25.27 -0.11 -24.42
CA GLN B 44 24.50 -0.73 -25.50
C GLN B 44 23.14 -1.22 -25.04
N LYS B 45 23.04 -1.73 -23.82
CA LYS B 45 21.79 -2.14 -23.21
C LYS B 45 21.60 -1.42 -21.88
N THR B 46 20.40 -1.52 -21.33
CA THR B 46 20.10 -0.88 -20.05
C THR B 46 20.47 -1.74 -18.86
N GLU B 47 20.87 -2.99 -19.09
CA GLU B 47 21.28 -3.89 -18.02
C GLU B 47 22.76 -3.77 -17.69
N ASP B 48 23.48 -2.84 -18.32
CA ASP B 48 24.89 -2.62 -18.09
C ASP B 48 25.17 -1.67 -16.93
N VAL B 49 24.13 -1.12 -16.30
CA VAL B 49 24.27 -0.14 -15.22
C VAL B 49 24.10 -0.89 -13.91
N HIS B 50 25.18 -1.03 -13.15
CA HIS B 50 25.13 -1.68 -11.84
C HIS B 50 25.25 -0.67 -10.71
N LEU B 51 24.80 -1.10 -9.53
CA LEU B 51 24.52 -0.22 -8.40
C LEU B 51 25.10 -0.80 -7.10
N MET B 52 26.40 -1.13 -7.13
CA MET B 52 27.05 -1.71 -5.96
C MET B 52 27.04 -0.77 -4.76
N GLY B 53 26.63 -1.31 -3.61
CA GLY B 53 26.59 -0.56 -2.37
C GLY B 53 27.71 -0.95 -1.43
N PHE B 54 28.61 0.00 -1.19
CA PHE B 54 29.83 -0.26 -0.43
C PHE B 54 29.62 0.12 1.03
N THR B 55 29.99 -0.77 1.93
CA THR B 55 29.78 -0.57 3.36
C THR B 55 30.84 0.35 3.93
N LEU B 56 30.55 0.87 5.14
CA LEU B 56 31.49 1.74 5.84
C LEU B 56 32.53 0.98 6.64
N SER B 57 32.38 -0.35 6.78
CA SER B 57 33.38 -1.15 7.48
C SER B 57 34.68 -1.24 6.68
N GLY B 58 34.59 -1.21 5.35
CA GLY B 58 35.76 -1.15 4.50
C GLY B 58 36.29 0.24 4.26
N GLN B 59 35.67 1.24 4.88
CA GLN B 59 36.08 2.64 4.79
C GLN B 59 37.01 3.00 5.96
N LYS B 60 37.45 2.01 6.73
CA LYS B 60 38.18 2.18 8.00
C LYS B 60 37.42 3.07 8.98
N VAL B 61 36.12 2.82 9.06
CA VAL B 61 35.25 3.44 10.05
C VAL B 61 34.91 2.36 11.07
N ALA B 62 34.95 2.72 12.36
CA ALA B 62 34.66 1.78 13.42
C ALA B 62 33.21 1.33 13.37
N ASP B 63 32.98 0.08 13.77
CA ASP B 63 31.68 -0.55 13.61
C ASP B 63 31.17 -1.22 14.88
N SER B 64 31.76 -0.93 16.03
CA SER B 64 31.21 -1.38 17.30
C SER B 64 29.88 -0.68 17.54
N PRO B 65 28.92 -1.33 18.24
CA PRO B 65 27.59 -0.72 18.44
C PRO B 65 27.59 0.60 19.19
N LEU B 66 28.52 0.79 20.13
CA LEU B 66 28.65 2.08 20.82
C LEU B 66 29.04 3.21 19.88
N GLU B 67 30.07 3.00 19.06
CA GLU B 67 30.52 4.09 18.20
C GLU B 67 29.58 4.26 17.01
N ALA B 68 28.96 3.18 16.55
CA ALA B 68 27.99 3.26 15.47
C ALA B 68 26.68 3.91 15.92
N SER B 69 26.36 3.83 17.22
CA SER B 69 25.16 4.48 17.72
C SER B 69 25.29 6.00 17.80
N LYS B 70 26.51 6.53 17.67
CA LYS B 70 26.75 7.97 17.72
C LYS B 70 26.65 8.63 16.34
N ARG B 71 26.22 7.89 15.32
CA ARG B 71 25.97 8.43 13.99
C ARG B 71 24.47 8.44 13.67
N TRP B 72 23.63 8.10 14.64
CA TRP B 72 22.20 7.89 14.47
C TRP B 72 21.45 8.81 15.43
N ALA B 73 20.33 9.35 14.97
CA ALA B 73 19.55 10.28 15.80
C ALA B 73 18.08 10.20 15.40
N PHE B 74 17.25 10.95 16.12
CA PHE B 74 15.82 10.99 15.89
C PHE B 74 15.40 12.40 15.49
N ARG B 75 14.50 12.49 14.53
CA ARG B 75 13.99 13.79 14.08
C ARG B 75 12.62 13.60 13.44
N THR B 76 11.70 14.49 13.76
CA THR B 76 10.38 14.54 13.13
C THR B 76 10.36 15.59 12.02
N GLY B 77 9.40 15.43 11.11
CA GLY B 77 9.23 16.36 10.02
C GLY B 77 9.94 16.02 8.73
N VAL B 78 10.52 14.83 8.61
CA VAL B 78 11.21 14.40 7.41
C VAL B 78 10.59 13.09 6.93
N PRO B 79 10.01 13.05 5.73
CA PRO B 79 9.49 11.78 5.21
C PRO B 79 10.62 10.80 4.92
N PRO B 80 10.36 9.50 5.04
CA PRO B 80 11.37 8.52 4.65
C PRO B 80 11.38 8.25 3.16
N LYS B 81 12.58 8.00 2.63
CA LYS B 81 12.79 7.73 1.22
C LYS B 81 13.59 6.45 1.05
N ASN B 82 13.22 5.65 0.05
CA ASN B 82 13.90 4.42 -0.29
C ASN B 82 14.36 4.45 -1.74
N VAL B 83 15.49 3.82 -2.02
CA VAL B 83 16.02 3.71 -3.37
C VAL B 83 16.43 2.25 -3.58
N GLU B 84 16.44 1.82 -4.83
CA GLU B 84 16.70 0.42 -5.18
C GLU B 84 18.10 0.31 -5.78
N TYR B 85 18.90 -0.60 -5.21
CA TYR B 85 20.17 -1.01 -5.79
C TYR B 85 20.10 -2.49 -6.13
N THR B 86 21.13 -2.98 -6.82
CA THR B 86 21.09 -4.33 -7.38
C THR B 86 21.99 -5.33 -6.67
N GLU B 87 23.16 -4.90 -6.19
CA GLU B 87 24.13 -5.81 -5.61
C GLU B 87 25.03 -4.99 -4.67
N GLY B 88 25.91 -5.68 -3.96
CA GLY B 88 26.74 -4.98 -3.00
C GLY B 88 27.68 -5.91 -2.27
N GLU B 89 28.36 -5.35 -1.27
CA GLU B 89 29.39 -6.03 -0.51
C GLU B 89 28.79 -7.03 0.47
N GLU B 90 29.66 -7.88 1.00
CA GLU B 90 29.37 -8.73 2.15
C GLU B 90 29.83 -7.99 3.41
N ALA B 91 28.89 -7.65 4.28
CA ALA B 91 29.18 -6.79 5.42
C ALA B 91 29.90 -7.55 6.53
N LYS B 92 30.67 -6.81 7.32
CA LYS B 92 31.37 -7.39 8.47
C LYS B 92 30.46 -7.41 9.70
N THR B 93 29.86 -6.28 10.03
CA THR B 93 28.96 -6.16 11.17
C THR B 93 27.60 -5.69 10.71
N CYS B 94 26.55 -6.26 11.30
CA CYS B 94 25.18 -5.90 11.00
C CYS B 94 24.41 -5.73 12.31
N TYR B 95 23.26 -5.07 12.23
CA TYR B 95 22.53 -4.66 13.42
C TYR B 95 21.06 -5.04 13.34
N ASN B 96 20.51 -5.47 14.46
CA ASN B 96 19.10 -5.80 14.63
C ASN B 96 18.59 -5.04 15.85
N ILE B 97 17.93 -3.92 15.64
CA ILE B 97 17.67 -2.93 16.68
C ILE B 97 16.18 -2.61 16.75
N SER B 98 15.61 -2.64 17.96
CA SER B 98 14.25 -2.20 18.21
C SER B 98 14.26 -1.23 19.37
N VAL B 99 13.64 -0.06 19.18
CA VAL B 99 13.58 1.00 20.19
C VAL B 99 12.12 1.25 20.52
N THR B 100 11.80 1.36 21.81
CA THR B 100 10.43 1.56 22.27
C THR B 100 10.35 2.73 23.23
N ASP B 101 9.16 3.33 23.29
CA ASP B 101 8.87 4.43 24.22
C ASP B 101 8.51 3.86 25.59
N PRO B 102 8.34 4.70 26.62
CA PRO B 102 7.78 4.19 27.90
C PRO B 102 6.40 3.56 27.80
N SER B 103 5.56 3.97 26.84
CA SER B 103 4.24 3.36 26.72
C SER B 103 4.33 1.94 26.16
N GLY B 104 5.13 1.74 25.12
CA GLY B 104 5.27 0.43 24.52
C GLY B 104 5.30 0.47 23.00
N LYS B 105 5.08 1.65 22.43
CA LYS B 105 5.06 1.82 20.99
C LYS B 105 6.48 1.96 20.46
N SER B 106 6.75 1.29 19.34
CA SER B 106 8.09 1.34 18.74
C SER B 106 8.33 2.70 18.09
N LEU B 107 9.46 3.33 18.44
CA LEU B 107 9.82 4.60 17.83
C LEU B 107 10.29 4.45 16.39
N LEU B 108 10.74 3.26 16.00
CA LEU B 108 11.12 3.00 14.63
C LEU B 108 9.87 2.73 13.78
N LEU B 109 10.00 2.95 12.48
CA LEU B 109 8.89 2.74 11.58
C LEU B 109 8.72 1.25 11.28
N ASP B 110 7.56 0.90 10.72
CA ASP B 110 7.32 -0.46 10.28
C ASP B 110 7.87 -0.69 8.87
N PRO B 111 8.32 -1.91 8.54
CA PRO B 111 8.90 -2.14 7.22
C PRO B 111 7.85 -2.51 6.18
N PRO B 112 7.98 -1.99 4.96
CA PRO B 112 7.13 -2.45 3.84
C PRO B 112 7.36 -3.91 3.46
N SER B 113 6.59 -4.39 2.48
CA SER B 113 6.67 -5.78 2.06
C SER B 113 7.95 -6.10 1.29
N ASN B 114 8.61 -5.09 0.73
CA ASN B 114 9.84 -5.29 -0.02
C ASN B 114 11.10 -5.21 0.84
N ILE B 115 10.97 -4.89 2.12
CA ILE B 115 12.12 -4.80 3.02
C ILE B 115 12.44 -6.21 3.54
N ARG B 116 13.67 -6.66 3.31
CA ARG B 116 14.13 -7.95 3.79
C ARG B 116 15.45 -7.77 4.52
N ASP B 117 15.92 -8.86 5.12
CA ASP B 117 17.16 -8.83 5.88
C ASP B 117 18.35 -8.75 4.92
N TYR B 118 19.45 -8.17 5.42
CA TYR B 118 20.64 -8.03 4.59
C TYR B 118 21.26 -9.38 4.32
N PRO B 119 21.70 -9.66 3.07
CA PRO B 119 22.08 -11.03 2.68
C PRO B 119 23.28 -11.63 3.41
N LYS B 120 24.42 -10.95 3.39
CA LYS B 120 25.64 -11.47 3.98
C LYS B 120 26.04 -10.63 5.18
N CYS B 121 26.13 -11.27 6.34
CA CYS B 121 26.51 -10.60 7.58
C CYS B 121 27.34 -11.56 8.41
N LYS B 122 28.60 -11.19 8.69
CA LYS B 122 29.45 -12.01 9.54
C LYS B 122 28.99 -11.97 11.00
N THR B 123 28.63 -10.77 11.48
CA THR B 123 28.19 -10.61 12.86
C THR B 123 26.94 -9.74 12.89
N VAL B 124 25.89 -10.24 13.52
CA VAL B 124 24.64 -9.49 13.70
C VAL B 124 24.51 -9.18 15.18
N HIS B 125 24.59 -7.90 15.52
CA HIS B 125 24.42 -7.48 16.90
C HIS B 125 22.94 -7.28 17.20
N HIS B 126 22.44 -7.94 18.23
CA HIS B 126 21.06 -7.83 18.65
C HIS B 126 20.96 -6.82 19.78
N ILE B 127 20.33 -5.68 19.48
CA ILE B 127 20.27 -4.54 20.38
C ILE B 127 18.80 -4.21 20.60
N GLN B 128 18.42 -4.01 21.87
CA GLN B 128 17.09 -3.52 22.19
C GLN B 128 17.17 -2.54 23.36
N GLY B 129 16.40 -1.46 23.28
CA GLY B 129 16.53 -0.38 24.23
C GLY B 129 15.28 0.46 24.34
N GLN B 130 15.31 1.38 25.31
CA GLN B 130 14.19 2.26 25.63
C GLN B 130 14.66 3.70 25.60
N ASN B 131 14.00 4.54 24.82
CA ASN B 131 14.41 5.94 24.65
C ASN B 131 13.22 6.85 24.97
N PRO B 132 13.12 7.41 26.20
CA PRO B 132 11.96 8.21 26.56
C PRO B 132 11.91 9.53 25.80
N HIS B 133 12.86 10.42 26.06
CA HIS B 133 12.84 11.77 25.42
C HIS B 133 13.33 11.68 23.96
N ALA B 134 12.46 11.30 23.04
CA ALA B 134 12.84 11.26 21.60
C ALA B 134 11.60 11.01 20.74
N GLN B 135 11.33 11.91 19.79
CA GLN B 135 10.19 11.72 18.91
C GLN B 135 10.62 11.88 17.47
N GLY B 136 9.91 11.22 16.57
CA GLY B 136 10.20 11.29 15.15
C GLY B 136 10.64 9.95 14.59
N ILE B 137 11.40 10.03 13.51
CA ILE B 137 11.95 8.85 12.84
C ILE B 137 13.47 8.87 12.95
N ALA B 138 14.07 7.71 12.73
CA ALA B 138 15.51 7.56 12.86
C ALA B 138 16.22 7.99 11.58
N LEU B 139 17.29 8.77 11.73
CA LEU B 139 18.06 9.28 10.62
C LEU B 139 19.54 9.12 10.91
N HIS B 140 20.32 9.06 9.83
CA HIS B 140 21.78 8.95 9.90
C HIS B 140 22.38 10.36 9.88
N LEU B 141 23.49 10.54 10.60
CA LEU B 141 24.06 11.86 10.79
C LEU B 141 25.15 12.21 9.77
N TRP B 142 25.55 11.28 8.91
CA TRP B 142 26.60 11.53 7.93
C TRP B 142 26.07 11.73 6.52
N GLY B 143 25.16 10.85 6.09
CA GLY B 143 24.72 10.82 4.71
C GLY B 143 24.67 9.40 4.20
N ALA B 144 25.16 8.48 5.02
CA ALA B 144 25.15 7.07 4.68
C ALA B 144 23.73 6.52 4.72
N PHE B 145 23.51 5.48 3.92
CA PHE B 145 22.22 4.83 3.80
C PHE B 145 22.19 3.54 4.62
N PHE B 146 20.99 3.20 5.09
CA PHE B 146 20.74 1.95 5.79
C PHE B 146 20.47 0.89 4.73
N LEU B 147 21.45 0.03 4.49
CA LEU B 147 21.35 -0.97 3.44
C LEU B 147 20.59 -2.19 3.94
N TYR B 148 19.64 -2.64 3.13
CA TYR B 148 18.85 -3.86 3.29
C TYR B 148 19.05 -4.71 2.03
N ASP B 149 18.20 -5.72 1.88
CA ASP B 149 18.26 -6.61 0.72
C ASP B 149 17.84 -5.83 -0.52
N ARG B 150 18.84 -5.34 -1.27
CA ARG B 150 18.71 -4.59 -2.52
C ARG B 150 17.87 -3.31 -2.39
N VAL B 151 17.74 -2.77 -1.18
CA VAL B 151 17.03 -1.51 -0.94
C VAL B 151 17.84 -0.69 0.05
N ALA B 152 18.16 0.54 -0.32
CA ALA B 152 18.85 1.48 0.57
C ALA B 152 17.86 2.53 1.04
N SER B 153 17.81 2.73 2.36
CA SER B 153 16.84 3.63 2.96
C SER B 153 17.55 4.72 3.76
N THR B 154 16.82 5.81 3.98
CA THR B 154 17.28 6.89 4.84
C THR B 154 16.81 6.73 6.29
N THR B 155 16.09 5.66 6.59
CA THR B 155 15.54 5.44 7.92
C THR B 155 15.67 3.97 8.30
N MET B 156 15.43 3.70 9.58
CA MET B 156 15.49 2.37 10.15
C MET B 156 14.09 1.76 10.26
N TYR B 157 14.04 0.43 10.33
CA TYR B 157 12.77 -0.29 10.34
C TYR B 157 12.75 -1.29 11.49
N ARG B 158 11.55 -1.81 11.75
CA ARG B 158 11.32 -2.70 12.89
C ARG B 158 11.81 -4.11 12.58
N GLY B 159 12.79 -4.57 13.35
CA GLY B 159 13.21 -5.97 13.32
C GLY B 159 13.83 -6.44 12.03
N LYS B 160 14.58 -5.59 11.35
CA LYS B 160 15.25 -5.96 10.11
C LYS B 160 16.75 -5.74 10.24
N VAL B 161 17.51 -6.68 9.68
CA VAL B 161 18.96 -6.64 9.73
C VAL B 161 19.47 -5.78 8.58
N PHE B 162 20.25 -4.74 8.92
CA PHE B 162 20.71 -3.74 7.97
C PHE B 162 22.22 -3.59 8.12
N THR B 163 22.80 -2.69 7.33
CA THR B 163 24.17 -2.23 7.56
C THR B 163 24.25 -0.77 7.13
N GLU B 164 25.42 -0.18 7.31
CA GLU B 164 25.69 1.15 6.77
C GLU B 164 26.30 1.02 5.40
N GLY B 165 26.03 1.99 4.53
CA GLY B 165 26.75 2.00 3.28
C GLY B 165 26.22 3.04 2.30
N ASN B 166 27.02 3.26 1.27
CA ASN B 166 26.69 4.21 0.20
C ASN B 166 26.75 3.47 -1.14
N ILE B 167 25.78 3.74 -2.01
CA ILE B 167 25.70 3.04 -3.29
C ILE B 167 26.36 3.89 -4.36
N ALA B 168 26.97 3.21 -5.34
CA ALA B 168 27.67 3.86 -6.44
C ALA B 168 27.22 3.26 -7.75
N ALA B 169 27.15 4.10 -8.79
CA ALA B 169 26.66 3.68 -10.10
C ALA B 169 27.77 3.79 -11.12
N MET B 170 27.94 2.73 -11.92
CA MET B 170 28.82 2.79 -13.08
C MET B 170 28.27 1.88 -14.18
N ILE B 171 29.01 1.79 -15.28
CA ILE B 171 28.61 1.05 -16.46
C ILE B 171 29.72 0.07 -16.82
N VAL B 172 29.40 -1.22 -16.81
CA VAL B 172 30.30 -2.26 -17.33
C VAL B 172 29.48 -3.18 -18.23
N ASN B 173 30.15 -3.79 -19.21
CA ASN B 173 29.53 -4.79 -20.06
C ASN B 173 30.01 -6.19 -19.64
N LYS B 174 29.64 -7.20 -20.43
CA LYS B 174 29.81 -8.59 -20.01
C LYS B 174 31.26 -9.05 -20.11
N THR B 175 32.01 -8.54 -21.10
CA THR B 175 33.43 -8.90 -21.23
C THR B 175 34.24 -8.39 -20.05
N VAL B 176 33.99 -7.14 -19.64
CA VAL B 176 34.65 -6.60 -18.46
C VAL B 176 34.18 -7.34 -17.21
N HIS B 177 32.89 -7.69 -17.15
CA HIS B 177 32.36 -8.31 -15.95
C HIS B 177 32.83 -9.76 -15.80
N ARG B 178 33.16 -10.46 -16.89
CA ARG B 178 33.86 -11.72 -16.74
C ARG B 178 35.35 -11.50 -16.47
N MET B 179 35.88 -10.35 -16.88
CA MET B 179 37.28 -10.04 -16.59
C MET B 179 37.53 -9.78 -15.10
N ILE B 180 36.53 -9.28 -14.37
CA ILE B 180 36.76 -8.76 -13.01
C ILE B 180 36.17 -9.67 -11.93
N PHE B 181 35.11 -10.44 -12.25
CA PHE B 181 34.17 -11.02 -11.28
C PHE B 181 34.76 -11.86 -10.15
N SER B 182 35.43 -12.96 -10.50
CA SER B 182 35.91 -13.88 -9.48
C SER B 182 37.37 -14.27 -9.71
N ASP C 44 24.06 12.77 -10.47
CA ASP C 44 25.04 11.87 -9.87
C ASP C 44 26.07 11.35 -10.88
N GLU C 45 27.11 10.68 -10.37
CA GLU C 45 28.26 10.28 -11.17
C GLU C 45 28.09 8.86 -11.68
N SER C 46 28.66 8.60 -12.87
CA SER C 46 28.59 7.28 -13.49
C SER C 46 29.78 7.13 -14.44
N PRO C 47 30.84 6.46 -14.00
CA PRO C 47 31.98 6.25 -14.89
C PRO C 47 31.79 5.06 -15.82
N SER C 48 32.29 5.21 -17.03
CA SER C 48 32.47 4.10 -17.95
C SER C 48 33.85 3.49 -17.72
N PHE C 49 33.95 2.19 -18.01
CA PHE C 49 34.99 1.36 -17.39
C PHE C 49 35.38 0.31 -18.44
N ASN C 50 36.43 0.59 -19.20
CA ASN C 50 36.64 -0.18 -20.43
C ASN C 50 37.98 -0.91 -20.43
N THR C 51 38.01 -1.99 -21.20
CA THR C 51 39.16 -2.88 -21.29
C THR C 51 39.75 -2.81 -22.70
N SER C 52 41.04 -2.52 -22.78
CA SER C 52 41.83 -2.44 -24.03
C SER C 52 41.25 -1.45 -25.04
N ILE C 63 45.65 -7.27 -18.58
CA ILE C 63 45.30 -6.36 -19.67
C ILE C 63 45.08 -4.96 -19.10
N SER C 64 45.73 -3.97 -19.71
CA SER C 64 45.59 -2.59 -19.28
C SER C 64 44.16 -2.09 -19.55
N LEU C 65 43.74 -1.11 -18.76
CA LEU C 65 42.34 -0.77 -18.61
C LEU C 65 42.21 0.75 -18.49
N THR C 66 41.03 1.27 -18.82
CA THR C 66 40.80 2.70 -18.81
C THR C 66 39.55 3.08 -18.01
N PHE C 67 39.66 4.25 -17.37
CA PHE C 67 38.65 4.86 -16.52
C PHE C 67 38.13 6.07 -17.27
N SER C 68 36.82 6.33 -17.22
CA SER C 68 36.28 7.57 -17.78
C SER C 68 35.06 8.02 -16.99
N TYR C 69 35.23 9.00 -16.10
CA TYR C 69 34.13 9.48 -15.28
C TYR C 69 33.13 10.27 -16.11
N PHE C 70 31.90 10.35 -15.59
CA PHE C 70 30.73 10.97 -16.24
C PHE C 70 30.47 10.41 -17.64
N ASN C 85 46.72 4.39 2.90
CA ASN C 85 45.42 4.68 2.29
C ASN C 85 44.30 4.62 3.32
N ASP C 86 43.07 4.75 2.85
CA ASP C 86 41.87 4.74 3.69
C ASP C 86 40.84 3.81 3.08
N CYS C 87 41.28 2.61 2.71
CA CYS C 87 40.47 1.68 1.92
C CYS C 87 40.99 0.27 2.10
N ASP C 88 40.16 -0.69 1.69
CA ASP C 88 40.54 -2.10 1.66
C ASP C 88 40.81 -2.54 0.23
N ALA C 89 41.86 -3.36 0.06
CA ALA C 89 42.16 -3.90 -1.25
C ALA C 89 41.19 -5.01 -1.64
N GLU C 90 40.84 -5.88 -0.70
CA GLU C 90 39.91 -6.97 -0.97
C GLU C 90 38.48 -6.45 -1.07
N LEU C 91 37.72 -7.02 -2.01
CA LEU C 91 36.33 -6.61 -2.24
C LEU C 91 35.53 -7.88 -2.58
N ARG C 92 34.93 -8.47 -1.57
CA ARG C 92 34.03 -9.61 -1.76
C ARG C 92 32.60 -9.09 -1.84
N ILE C 93 31.91 -9.43 -2.94
CA ILE C 93 30.57 -8.95 -3.20
C ILE C 93 29.64 -10.13 -3.45
N TRP C 94 28.35 -9.85 -3.33
CA TRP C 94 27.31 -10.79 -3.74
C TRP C 94 26.58 -10.21 -4.95
N SER C 95 26.29 -11.09 -5.92
CA SER C 95 25.63 -10.74 -7.15
C SER C 95 24.44 -11.65 -7.34
N VAL C 96 23.63 -11.36 -8.37
CA VAL C 96 22.47 -12.20 -8.62
C VAL C 96 22.94 -13.50 -9.26
N GLN C 97 23.40 -13.43 -10.50
CA GLN C 97 23.91 -14.57 -11.24
C GLN C 97 24.48 -14.07 -12.56
N GLU C 98 25.57 -14.72 -13.02
CA GLU C 98 26.00 -14.58 -14.40
C GLU C 98 24.94 -15.10 -15.36
N ASP C 99 24.66 -16.41 -15.30
CA ASP C 99 23.72 -17.03 -16.22
C ASP C 99 23.11 -18.25 -15.52
N ASP C 100 21.89 -18.10 -15.02
CA ASP C 100 21.14 -19.22 -14.46
C ASP C 100 20.32 -19.92 -15.53
N LEU C 101 20.40 -19.46 -16.78
CA LEU C 101 19.70 -20.09 -17.90
C LEU C 101 20.31 -21.43 -18.27
N ALA C 102 21.55 -21.71 -17.84
CA ALA C 102 22.24 -22.95 -18.22
C ALA C 102 21.65 -24.17 -17.53
N ALA C 103 20.87 -24.00 -16.47
CA ALA C 103 20.21 -25.14 -15.84
C ALA C 103 19.13 -25.72 -16.76
N GLY C 104 18.38 -24.88 -17.45
CA GLY C 104 17.41 -25.32 -18.41
C GLY C 104 15.98 -24.99 -18.05
N LEU C 105 15.61 -25.17 -16.78
CA LEU C 105 14.27 -24.86 -16.31
C LEU C 105 14.28 -23.95 -15.08
N SER C 106 15.42 -23.37 -14.72
CA SER C 106 15.53 -22.53 -13.54
C SER C 106 14.90 -21.16 -13.70
N TRP C 107 14.54 -20.77 -14.93
CA TRP C 107 13.84 -19.50 -15.13
C TRP C 107 12.39 -19.57 -14.68
N ILE C 108 11.83 -20.76 -14.55
CA ILE C 108 10.49 -20.92 -13.98
C ILE C 108 10.58 -20.70 -12.47
N PRO C 109 9.69 -19.88 -11.89
CA PRO C 109 9.76 -19.61 -10.45
C PRO C 109 9.53 -20.82 -9.56
N PHE C 110 8.76 -21.81 -10.03
CA PHE C 110 8.55 -23.01 -9.22
C PHE C 110 9.80 -23.87 -9.18
N PHE C 111 10.63 -23.81 -10.21
CA PHE C 111 11.91 -24.50 -10.26
C PHE C 111 13.08 -23.59 -9.93
N GLY C 112 12.81 -22.39 -9.39
CA GLY C 112 13.86 -21.47 -9.02
C GLY C 112 14.49 -21.82 -7.69
N PRO C 113 15.52 -21.05 -7.33
CA PRO C 113 16.22 -21.29 -6.06
C PRO C 113 15.57 -20.66 -4.85
N GLY C 114 14.77 -19.61 -5.00
CA GLY C 114 14.18 -18.94 -3.87
C GLY C 114 15.00 -17.75 -3.40
N ILE C 115 14.61 -17.23 -2.22
CA ILE C 115 15.27 -16.05 -1.67
C ILE C 115 16.66 -16.40 -1.14
N GLU C 116 16.77 -17.50 -0.40
CA GLU C 116 18.01 -17.80 0.32
C GLU C 116 19.12 -18.31 -0.58
N GLY C 117 18.81 -18.72 -1.80
CA GLY C 117 19.83 -19.23 -2.70
C GLY C 117 19.90 -18.46 -4.01
N LEU C 118 19.57 -17.17 -3.97
CA LEU C 118 19.49 -16.39 -5.19
C LEU C 118 20.82 -15.72 -5.55
N TYR C 119 21.69 -15.49 -4.57
CA TYR C 119 22.92 -14.75 -4.77
C TYR C 119 24.13 -15.67 -4.90
N THR C 120 25.16 -15.16 -5.58
CA THR C 120 26.44 -15.84 -5.71
C THR C 120 27.55 -14.90 -5.26
N ALA C 121 28.65 -15.47 -4.78
CA ALA C 121 29.75 -14.70 -4.23
C ALA C 121 30.85 -14.49 -5.28
N GLY C 122 31.47 -13.32 -5.23
CA GLY C 122 32.56 -13.00 -6.15
C GLY C 122 33.55 -12.07 -5.48
N LEU C 123 34.71 -11.92 -6.13
CA LEU C 123 35.82 -11.14 -5.59
C LEU C 123 36.33 -10.20 -6.68
N ILE C 124 36.09 -8.91 -6.51
CA ILE C 124 36.64 -7.91 -7.42
C ILE C 124 38.06 -7.58 -7.00
N LYS C 125 38.98 -7.61 -7.95
CA LYS C 125 40.40 -7.48 -7.67
C LYS C 125 40.88 -6.05 -7.90
N ASN C 126 41.66 -5.54 -6.96
CA ASN C 126 42.19 -4.18 -6.99
C ASN C 126 43.37 -4.11 -7.96
N GLN C 127 43.05 -4.06 -9.25
CA GLN C 127 44.11 -4.09 -10.27
C GLN C 127 44.75 -2.72 -10.46
N ASN C 128 44.02 -1.77 -11.02
CA ASN C 128 44.50 -0.39 -11.16
C ASN C 128 43.87 0.51 -10.09
N ASN C 129 44.05 0.11 -8.83
CA ASN C 129 43.45 0.75 -7.65
C ASN C 129 41.95 0.92 -7.80
N LEU C 130 41.29 -0.16 -8.24
CA LEU C 130 39.86 -0.11 -8.55
C LEU C 130 38.98 -0.02 -7.31
N VAL C 131 39.26 -0.84 -6.29
CA VAL C 131 38.38 -0.88 -5.12
C VAL C 131 38.48 0.44 -4.34
N CYS C 132 39.69 0.99 -4.24
CA CYS C 132 39.90 2.21 -3.47
C CYS C 132 39.37 3.45 -4.17
N ARG C 133 39.09 3.39 -5.47
CA ARG C 133 38.41 4.50 -6.13
C ARG C 133 36.91 4.32 -6.21
N LEU C 134 36.41 3.08 -6.18
CA LEU C 134 34.97 2.87 -6.05
C LEU C 134 34.47 3.25 -4.66
N ARG C 135 35.27 2.97 -3.63
CA ARG C 135 34.90 3.38 -2.28
C ARG C 135 34.95 4.90 -2.13
N ARG C 136 35.83 5.57 -2.88
CA ARG C 136 35.84 7.03 -2.90
C ARG C 136 34.65 7.57 -3.69
N LEU C 137 34.30 6.90 -4.79
CA LEU C 137 33.19 7.31 -5.65
C LEU C 137 31.86 7.22 -4.93
N ALA C 138 31.68 6.18 -4.09
CA ALA C 138 30.42 5.98 -3.39
C ALA C 138 30.14 7.08 -2.38
N ASN C 139 31.18 7.74 -1.86
CA ASN C 139 30.96 8.78 -0.86
C ASN C 139 30.60 10.12 -1.51
N GLN C 140 31.19 10.46 -2.66
CA GLN C 140 30.77 11.67 -3.35
C GLN C 140 29.43 11.52 -4.06
N THR C 141 28.91 10.30 -4.17
CA THR C 141 27.62 10.05 -4.81
C THR C 141 26.45 10.44 -3.90
N ALA C 142 26.65 10.41 -2.58
CA ALA C 142 25.56 10.47 -1.61
C ALA C 142 24.83 11.82 -1.63
N LYS C 143 25.55 12.90 -1.91
CA LYS C 143 24.97 14.25 -1.89
C LYS C 143 23.89 14.41 -2.96
N SER C 144 24.22 14.03 -4.20
CA SER C 144 23.28 14.11 -5.31
C SER C 144 22.10 13.17 -5.10
N LEU C 145 22.35 11.99 -4.54
CA LEU C 145 21.27 11.04 -4.28
C LEU C 145 20.31 11.54 -3.20
N GLU C 146 20.84 12.15 -2.14
CA GLU C 146 19.96 12.68 -1.09
C GLU C 146 19.16 13.88 -1.58
N LEU C 147 19.76 14.74 -2.42
CA LEU C 147 18.99 15.84 -3.00
C LEU C 147 17.92 15.33 -3.97
N LEU C 148 18.26 14.33 -4.79
CA LEU C 148 17.32 13.76 -5.74
C LEU C 148 16.16 13.04 -5.03
N LEU C 149 16.43 12.41 -3.88
CA LEU C 149 15.36 11.85 -3.07
C LEU C 149 14.59 12.92 -2.32
N ARG C 150 15.20 14.07 -2.04
CA ARG C 150 14.48 15.19 -1.45
C ARG C 150 13.44 15.75 -2.41
N VAL C 151 13.77 15.82 -3.71
CA VAL C 151 12.83 16.35 -4.71
C VAL C 151 11.59 15.46 -4.83
N THR C 152 11.78 14.14 -4.85
CA THR C 152 10.65 13.23 -5.00
C THR C 152 9.82 13.15 -3.72
N THR C 153 8.53 12.82 -3.88
CA THR C 153 7.62 12.70 -2.76
C THR C 153 7.14 11.27 -2.52
N GLU C 154 7.44 10.35 -3.42
CA GLU C 154 7.00 8.96 -3.27
C GLU C 154 7.90 8.22 -2.28
N GLU C 155 7.27 7.46 -1.38
CA GLU C 155 7.98 6.71 -0.35
C GLU C 155 8.33 5.29 -0.77
N ARG C 156 7.85 4.84 -1.93
CA ARG C 156 8.28 3.55 -2.46
C ARG C 156 9.69 3.66 -3.05
N THR C 157 10.29 2.50 -3.30
CA THR C 157 11.64 2.46 -3.87
C THR C 157 11.64 3.02 -5.28
N PHE C 158 12.66 3.83 -5.59
CA PHE C 158 12.73 4.57 -6.83
C PHE C 158 13.90 4.05 -7.65
N SER C 159 13.63 3.69 -8.90
CA SER C 159 14.64 3.13 -9.78
C SER C 159 15.36 4.25 -10.53
N LEU C 160 16.68 4.13 -10.63
CA LEU C 160 17.52 5.13 -11.27
C LEU C 160 18.14 4.67 -12.58
N ILE C 161 17.90 3.43 -13.00
CA ILE C 161 18.54 2.88 -14.19
C ILE C 161 18.08 3.62 -15.45
N ASN C 162 16.77 3.86 -15.55
CA ASN C 162 16.23 4.64 -16.65
C ASN C 162 16.69 6.08 -16.59
N ARG C 163 16.83 6.63 -15.37
CA ARG C 163 17.30 8.01 -15.21
C ARG C 163 18.75 8.17 -15.66
N ILE C 164 19.61 7.23 -15.28
CA ILE C 164 21.01 7.26 -15.71
C ILE C 164 21.11 7.05 -17.23
N ALA C 165 20.28 6.16 -17.78
CA ALA C 165 20.30 5.93 -19.22
C ALA C 165 19.83 7.16 -20.01
N ILE C 166 18.79 7.85 -19.54
CA ILE C 166 18.32 9.06 -20.20
C ILE C 166 19.33 10.19 -20.05
N ASP C 167 19.97 10.30 -18.87
CA ASP C 167 21.03 11.28 -18.68
C ASP C 167 22.25 11.00 -19.56
N PHE C 168 22.51 9.72 -19.84
CA PHE C 168 23.58 9.37 -20.77
C PHE C 168 23.20 9.72 -22.21
N LEU C 169 21.93 9.51 -22.58
CA LEU C 169 21.51 9.77 -23.95
C LEU C 169 21.37 11.26 -24.24
N LEU C 170 21.03 12.08 -23.24
CA LEU C 170 20.86 13.52 -23.44
C LEU C 170 22.18 14.29 -23.43
N THR C 171 23.34 13.61 -23.37
CA THR C 171 24.62 14.29 -23.41
C THR C 171 25.55 13.80 -24.51
N ARG C 172 25.14 12.80 -25.29
CA ARG C 172 25.93 12.32 -26.43
C ARG C 172 25.58 13.12 -27.70
N TRP C 173 25.84 14.42 -27.65
CA TRP C 173 25.53 15.30 -28.78
C TRP C 173 26.79 15.95 -29.33
N GLY D 41 15.89 22.26 -30.15
CA GLY D 41 15.64 21.80 -28.80
C GLY D 41 16.90 21.73 -27.95
N THR D 42 16.87 22.38 -26.79
CA THR D 42 17.99 22.42 -25.86
C THR D 42 17.56 21.71 -24.57
N LEU D 43 17.75 20.40 -24.53
CA LEU D 43 17.41 19.59 -23.37
C LEU D 43 18.63 18.73 -23.04
N GLN D 44 19.34 19.10 -21.98
CA GLN D 44 20.60 18.45 -21.64
C GLN D 44 20.55 17.58 -20.40
N LYS D 45 19.66 17.90 -19.45
CA LYS D 45 19.50 17.11 -18.24
C LYS D 45 18.03 16.84 -18.03
N THR D 46 17.73 15.67 -17.43
CA THR D 46 16.34 15.25 -17.25
C THR D 46 15.61 16.14 -16.24
N GLU D 47 16.33 16.72 -15.28
CA GLU D 47 15.74 17.62 -14.31
C GLU D 47 15.56 19.05 -14.82
N ASP D 48 15.68 19.26 -16.13
CA ASP D 48 15.34 20.54 -16.76
C ASP D 48 13.89 20.60 -17.21
N VAL D 49 13.11 19.56 -16.95
CA VAL D 49 11.70 19.51 -17.33
C VAL D 49 10.87 19.86 -16.10
N HIS D 50 10.11 20.94 -16.19
CA HIS D 50 9.27 21.43 -15.10
C HIS D 50 7.80 21.19 -15.40
N LEU D 51 7.07 20.82 -14.35
CA LEU D 51 5.63 20.59 -14.39
C LEU D 51 5.00 21.58 -13.42
N MET D 52 4.44 22.67 -13.94
CA MET D 52 3.88 23.74 -13.13
C MET D 52 2.36 23.64 -13.05
N GLY D 53 1.83 23.87 -11.85
CA GLY D 53 0.39 23.90 -11.64
C GLY D 53 -0.11 25.31 -11.51
N PHE D 54 -0.97 25.70 -12.45
CA PHE D 54 -1.60 27.01 -12.47
C PHE D 54 -3.05 26.86 -12.01
N THR D 55 -3.46 27.70 -11.07
CA THR D 55 -4.80 27.63 -10.52
C THR D 55 -5.81 28.26 -11.48
N LEU D 56 -7.08 27.87 -11.32
CA LEU D 56 -8.15 28.47 -12.11
C LEU D 56 -8.45 29.89 -11.70
N SER D 57 -8.12 30.28 -10.46
CA SER D 57 -8.35 31.64 -9.98
C SER D 57 -7.52 32.68 -10.70
N GLY D 58 -6.39 32.29 -11.28
CA GLY D 58 -5.61 33.16 -12.13
C GLY D 58 -6.11 33.27 -13.55
N GLN D 59 -7.17 32.52 -13.90
CA GLN D 59 -7.75 32.56 -15.24
C GLN D 59 -9.06 33.38 -15.23
N LYS D 60 -9.24 34.18 -14.17
CA LYS D 60 -10.44 34.98 -13.91
C LYS D 60 -11.70 34.12 -13.88
N VAL D 61 -11.60 32.97 -13.23
CA VAL D 61 -12.71 32.07 -12.99
C VAL D 61 -13.23 32.35 -11.58
N ALA D 62 -14.55 32.45 -11.44
CA ALA D 62 -15.14 32.76 -10.16
C ALA D 62 -14.91 31.65 -9.15
N ASP D 63 -14.27 31.99 -8.04
CA ASP D 63 -13.72 31.00 -7.11
C ASP D 63 -14.34 31.05 -5.71
N SER D 64 -15.45 31.75 -5.53
CA SER D 64 -16.19 31.66 -4.29
C SER D 64 -16.78 30.26 -4.16
N PRO D 65 -16.90 29.73 -2.93
CA PRO D 65 -17.47 28.37 -2.76
C PRO D 65 -18.93 28.24 -3.14
N LEU D 66 -19.62 29.36 -3.39
CA LEU D 66 -20.99 29.32 -3.89
C LEU D 66 -21.06 28.72 -5.28
N GLU D 67 -20.29 29.26 -6.21
CA GLU D 67 -20.33 28.85 -7.61
C GLU D 67 -19.12 28.02 -8.02
N ALA D 68 -18.32 27.55 -7.06
CA ALA D 68 -17.29 26.57 -7.33
C ALA D 68 -17.73 25.15 -7.03
N SER D 69 -18.85 24.97 -6.35
CA SER D 69 -19.37 23.65 -6.02
C SER D 69 -20.20 23.04 -7.14
N LYS D 70 -20.46 23.79 -8.21
CA LYS D 70 -21.20 23.29 -9.36
C LYS D 70 -20.30 22.72 -10.45
N ARG D 71 -18.99 22.69 -10.22
CA ARG D 71 -18.03 22.04 -11.10
C ARG D 71 -17.66 20.64 -10.62
N TRP D 72 -18.31 20.17 -9.56
CA TRP D 72 -17.99 18.93 -8.84
C TRP D 72 -19.23 18.05 -8.78
N ALA D 73 -19.02 16.73 -8.85
CA ALA D 73 -20.13 15.79 -8.78
C ALA D 73 -19.64 14.44 -8.27
N PHE D 74 -20.57 13.50 -8.09
CA PHE D 74 -20.26 12.12 -7.77
C PHE D 74 -20.50 11.20 -8.97
N ARG D 75 -19.69 10.15 -9.07
CA ARG D 75 -19.88 9.15 -10.10
C ARG D 75 -19.28 7.83 -9.63
N THR D 76 -19.96 6.73 -9.93
CA THR D 76 -19.46 5.38 -9.70
C THR D 76 -18.73 4.87 -10.94
N GLY D 77 -17.81 3.93 -10.72
CA GLY D 77 -17.22 3.18 -11.80
C GLY D 77 -16.00 3.78 -12.46
N VAL D 78 -15.39 4.79 -11.87
CA VAL D 78 -14.19 5.42 -12.40
C VAL D 78 -13.08 5.28 -11.36
N PRO D 79 -11.93 4.69 -11.70
CA PRO D 79 -10.81 4.69 -10.75
C PRO D 79 -10.22 6.07 -10.60
N PRO D 80 -9.67 6.39 -9.43
CA PRO D 80 -8.94 7.66 -9.28
C PRO D 80 -7.51 7.56 -9.76
N LYS D 81 -6.99 8.70 -10.24
CA LYS D 81 -5.63 8.77 -10.77
C LYS D 81 -4.89 9.96 -10.17
N ASN D 82 -3.58 9.79 -9.98
CA ASN D 82 -2.71 10.82 -9.47
C ASN D 82 -1.52 11.00 -10.40
N VAL D 83 -1.00 12.23 -10.47
CA VAL D 83 0.15 12.54 -11.29
C VAL D 83 1.07 13.48 -10.51
N GLU D 84 2.37 13.22 -10.59
CA GLU D 84 3.36 14.04 -9.90
C GLU D 84 3.71 15.27 -10.72
N TYR D 85 3.78 16.42 -10.06
CA TYR D 85 4.31 17.64 -10.64
C TYR D 85 5.36 18.22 -9.72
N THR D 86 6.00 19.32 -10.15
CA THR D 86 7.18 19.85 -9.48
C THR D 86 6.90 21.09 -8.65
N GLU D 87 6.30 22.13 -9.25
CA GLU D 87 6.10 23.40 -8.57
C GLU D 87 4.75 23.96 -9.01
N GLY D 88 4.34 25.07 -8.40
CA GLY D 88 3.01 25.57 -8.68
C GLY D 88 2.81 27.00 -8.26
N GLU D 89 1.72 27.57 -8.75
CA GLU D 89 1.35 28.96 -8.47
C GLU D 89 0.83 29.09 -7.05
N GLU D 90 1.14 30.22 -6.42
CA GLU D 90 0.60 30.51 -5.09
C GLU D 90 -0.90 30.78 -5.21
N ALA D 91 -1.70 30.04 -4.44
CA ALA D 91 -3.13 30.03 -4.62
C ALA D 91 -3.81 31.19 -3.88
N LYS D 92 -5.00 31.54 -4.36
CA LYS D 92 -5.77 32.65 -3.79
C LYS D 92 -6.81 32.13 -2.78
N THR D 93 -7.71 31.26 -3.22
CA THR D 93 -8.68 30.62 -2.36
C THR D 93 -8.50 29.10 -2.44
N CYS D 94 -8.44 28.46 -1.27
CA CYS D 94 -8.37 27.01 -1.17
C CYS D 94 -9.56 26.49 -0.38
N TYR D 95 -9.74 25.17 -0.40
CA TYR D 95 -10.92 24.54 0.17
C TYR D 95 -10.54 23.35 1.04
N ASN D 96 -11.28 23.17 2.13
CA ASN D 96 -11.11 22.04 3.05
C ASN D 96 -12.49 21.46 3.32
N ILE D 97 -12.77 20.30 2.70
CA ILE D 97 -14.13 19.79 2.57
C ILE D 97 -14.18 18.35 3.05
N SER D 98 -15.15 18.05 3.93
CA SER D 98 -15.52 16.70 4.28
C SER D 98 -17.04 16.57 4.22
N VAL D 99 -17.53 15.63 3.41
CA VAL D 99 -18.96 15.37 3.27
C VAL D 99 -19.23 13.98 3.81
N THR D 100 -20.46 13.74 4.25
CA THR D 100 -20.81 12.48 4.90
C THR D 100 -22.22 12.05 4.51
N ASP D 101 -22.49 10.75 4.66
CA ASP D 101 -23.81 10.19 4.47
C ASP D 101 -24.64 10.39 5.75
N PRO D 102 -25.97 10.25 5.69
CA PRO D 102 -26.75 10.31 6.95
C PRO D 102 -26.52 9.13 7.89
N SER D 103 -25.84 8.06 7.47
CA SER D 103 -25.47 7.00 8.41
C SER D 103 -24.20 7.32 9.19
N GLY D 104 -23.42 8.31 8.75
CA GLY D 104 -22.27 8.75 9.51
C GLY D 104 -20.90 8.47 8.91
N LYS D 105 -20.80 8.02 7.67
CA LYS D 105 -19.53 7.72 7.03
C LYS D 105 -19.25 8.71 5.92
N SER D 106 -17.97 9.01 5.72
CA SER D 106 -17.57 10.00 4.72
C SER D 106 -17.69 9.43 3.31
N LEU D 107 -18.17 10.25 2.39
CA LEU D 107 -18.29 9.86 0.99
C LEU D 107 -17.02 10.06 0.19
N LEU D 108 -16.06 10.84 0.71
CA LEU D 108 -14.78 10.99 0.04
C LEU D 108 -13.85 9.85 0.45
N LEU D 109 -12.72 9.78 -0.25
CA LEU D 109 -11.78 8.68 -0.06
C LEU D 109 -10.83 8.96 1.10
N ASP D 110 -10.23 7.90 1.61
CA ASP D 110 -9.16 8.04 2.59
C ASP D 110 -7.88 8.46 1.87
N PRO D 111 -7.24 9.55 2.28
CA PRO D 111 -6.04 10.02 1.57
C PRO D 111 -4.84 9.14 1.85
N PRO D 112 -4.05 8.80 0.82
CA PRO D 112 -2.79 8.08 1.04
C PRO D 112 -1.75 8.89 1.80
N SER D 113 -0.61 8.26 2.09
CA SER D 113 0.51 8.97 2.72
C SER D 113 1.18 9.95 1.78
N ASN D 114 0.96 9.80 0.47
CA ASN D 114 1.52 10.75 -0.50
C ASN D 114 0.82 12.10 -0.44
N ILE D 115 -0.47 12.11 -0.10
CA ILE D 115 -1.27 13.32 -0.19
C ILE D 115 -0.97 14.20 1.02
N ARG D 116 -0.60 15.45 0.75
CA ARG D 116 -0.39 16.45 1.79
C ARG D 116 -1.19 17.71 1.45
N ASP D 117 -1.18 18.65 2.39
CA ASP D 117 -1.91 19.90 2.22
C ASP D 117 -1.23 20.77 1.16
N TYR D 118 -2.03 21.64 0.53
CA TYR D 118 -1.48 22.56 -0.45
C TYR D 118 -0.59 23.59 0.25
N PRO D 119 0.59 23.90 -0.32
CA PRO D 119 1.60 24.69 0.41
C PRO D 119 1.20 26.10 0.78
N LYS D 120 0.69 26.87 -0.18
CA LYS D 120 0.41 28.29 0.02
C LYS D 120 -1.05 28.56 -0.33
N CYS D 121 -1.82 29.03 0.65
CA CYS D 121 -3.20 29.45 0.44
C CYS D 121 -3.45 30.74 1.20
N LYS D 122 -3.97 31.75 0.49
CA LYS D 122 -4.31 33.01 1.13
C LYS D 122 -5.60 32.89 1.93
N THR D 123 -6.58 32.15 1.42
CA THR D 123 -7.85 31.97 2.09
C THR D 123 -8.26 30.50 2.00
N VAL D 124 -8.59 29.90 3.13
CA VAL D 124 -9.02 28.50 3.21
C VAL D 124 -10.46 28.49 3.69
N HIS D 125 -11.35 27.89 2.89
CA HIS D 125 -12.76 27.79 3.22
C HIS D 125 -13.04 26.42 3.82
N HIS D 126 -13.60 26.40 5.03
CA HIS D 126 -13.89 25.16 5.74
C HIS D 126 -15.37 24.84 5.57
N ILE D 127 -15.67 23.81 4.80
CA ILE D 127 -17.05 23.44 4.49
C ILE D 127 -17.30 22.03 5.01
N GLN D 128 -18.32 21.89 5.86
CA GLN D 128 -18.79 20.60 6.34
C GLN D 128 -20.19 20.37 5.81
N GLY D 129 -20.40 19.21 5.16
CA GLY D 129 -21.64 18.96 4.46
C GLY D 129 -22.16 17.55 4.66
N GLN D 130 -23.33 17.31 4.08
CA GLN D 130 -24.01 16.02 4.17
C GLN D 130 -24.88 15.83 2.93
N ASN D 131 -24.69 14.72 2.24
CA ASN D 131 -25.32 14.48 0.94
C ASN D 131 -25.94 13.09 0.94
N PRO D 132 -27.28 12.96 1.06
CA PRO D 132 -27.92 11.65 1.11
C PRO D 132 -27.85 10.92 -0.22
N HIS D 133 -28.56 11.44 -1.23
CA HIS D 133 -28.62 10.75 -2.56
C HIS D 133 -27.35 11.02 -3.37
N ALA D 134 -26.28 10.26 -3.14
CA ALA D 134 -25.03 10.43 -3.92
C ALA D 134 -24.08 9.27 -3.63
N GLN D 135 -23.74 8.48 -4.65
CA GLN D 135 -22.84 7.35 -4.46
C GLN D 135 -21.69 7.48 -5.44
N GLY D 136 -20.53 6.99 -5.02
CA GLY D 136 -19.36 6.96 -5.89
C GLY D 136 -18.22 7.79 -5.37
N ILE D 137 -17.37 8.30 -6.27
CA ILE D 137 -16.29 9.18 -5.87
C ILE D 137 -16.58 10.56 -6.46
N ALA D 138 -15.79 11.52 -6.01
CA ALA D 138 -15.92 12.91 -6.43
C ALA D 138 -15.09 13.17 -7.67
N LEU D 139 -15.67 13.87 -8.64
CA LEU D 139 -15.03 14.17 -9.91
C LEU D 139 -15.31 15.63 -10.28
N HIS D 140 -14.44 16.15 -11.15
CA HIS D 140 -14.50 17.54 -11.59
C HIS D 140 -15.16 17.61 -12.95
N LEU D 141 -16.12 18.53 -13.11
CA LEU D 141 -16.91 18.59 -14.33
C LEU D 141 -16.17 19.23 -15.50
N TRP D 142 -15.23 20.13 -15.23
CA TRP D 142 -14.49 20.80 -16.30
C TRP D 142 -13.30 20.00 -16.81
N GLY D 143 -12.96 18.90 -16.16
CA GLY D 143 -11.75 18.19 -16.50
C GLY D 143 -10.49 18.72 -15.85
N ALA D 144 -10.62 19.64 -14.89
CA ALA D 144 -9.46 20.17 -14.20
C ALA D 144 -9.01 19.20 -13.11
N PHE D 145 -7.91 19.56 -12.45
CA PHE D 145 -7.27 18.70 -11.47
C PHE D 145 -7.34 19.34 -10.09
N PHE D 146 -7.38 18.49 -9.07
CA PHE D 146 -7.41 18.94 -7.69
C PHE D 146 -5.98 18.90 -7.17
N LEU D 147 -5.38 20.08 -7.01
CA LEU D 147 -3.96 20.20 -6.71
C LEU D 147 -3.71 20.08 -5.22
N TYR D 148 -2.71 19.26 -4.87
CA TYR D 148 -2.18 19.07 -3.53
C TYR D 148 -0.68 19.34 -3.57
N ASP D 149 0.05 18.95 -2.52
CA ASP D 149 1.49 19.16 -2.45
C ASP D 149 2.19 18.28 -3.46
N ARG D 150 2.49 18.85 -4.63
CA ARG D 150 3.16 18.21 -5.77
C ARG D 150 2.43 16.96 -6.28
N VAL D 151 1.12 16.88 -6.07
CA VAL D 151 0.30 15.79 -6.59
C VAL D 151 -0.98 16.40 -7.15
N ALA D 152 -1.26 16.12 -8.43
CA ALA D 152 -2.53 16.50 -9.04
C ALA D 152 -3.40 15.26 -9.18
N SER D 153 -4.64 15.36 -8.70
CA SER D 153 -5.53 14.20 -8.63
C SER D 153 -6.84 14.53 -9.34
N THR D 154 -7.50 13.46 -9.80
CA THR D 154 -8.82 13.57 -10.41
C THR D 154 -9.95 13.40 -9.40
N THR D 155 -9.62 13.21 -8.13
CA THR D 155 -10.60 13.04 -7.06
C THR D 155 -10.21 13.92 -5.88
N MET D 156 -11.13 14.04 -4.93
CA MET D 156 -10.91 14.76 -3.68
C MET D 156 -10.88 13.80 -2.50
N TYR D 157 -9.99 14.08 -1.56
CA TYR D 157 -9.71 13.23 -0.42
C TYR D 157 -10.28 13.86 0.84
N ARG D 158 -10.14 13.15 1.95
CA ARG D 158 -10.71 13.58 3.23
C ARG D 158 -9.68 14.34 4.06
N GLY D 159 -10.07 15.51 4.54
CA GLY D 159 -9.26 16.27 5.47
C GLY D 159 -8.05 16.96 4.88
N LYS D 160 -7.96 17.06 3.56
CA LYS D 160 -6.81 17.65 2.90
C LYS D 160 -7.24 18.91 2.16
N VAL D 161 -6.36 19.93 2.19
CA VAL D 161 -6.63 21.19 1.54
C VAL D 161 -6.04 21.14 0.13
N PHE D 162 -6.89 21.40 -0.86
CA PHE D 162 -6.57 21.32 -2.28
C PHE D 162 -6.78 22.68 -2.92
N THR D 163 -6.59 22.74 -4.24
CA THR D 163 -7.15 23.83 -5.04
C THR D 163 -7.54 23.26 -6.40
N GLU D 164 -8.14 24.09 -7.24
CA GLU D 164 -8.47 23.71 -8.61
C GLU D 164 -7.39 24.25 -9.54
N GLY D 165 -6.88 23.39 -10.43
CA GLY D 165 -5.84 23.87 -11.33
C GLY D 165 -5.48 22.86 -12.39
N ASN D 166 -4.57 23.28 -13.26
CA ASN D 166 -4.09 22.49 -14.38
C ASN D 166 -2.58 22.61 -14.48
N ILE D 167 -1.93 21.56 -14.95
CA ILE D 167 -0.47 21.54 -15.00
C ILE D 167 0.01 21.66 -16.45
N ALA D 168 1.25 22.12 -16.59
CA ALA D 168 1.87 22.33 -17.89
C ALA D 168 3.35 21.99 -17.77
N ALA D 169 3.89 21.35 -18.81
CA ALA D 169 5.26 20.90 -18.84
C ALA D 169 6.07 21.77 -19.79
N MET D 170 7.27 22.17 -19.35
CA MET D 170 8.16 22.93 -20.21
C MET D 170 9.61 22.58 -19.88
N ILE D 171 10.53 23.07 -20.69
CA ILE D 171 11.95 22.77 -20.59
C ILE D 171 12.69 24.07 -20.33
N VAL D 172 13.31 24.19 -19.17
CA VAL D 172 13.97 25.42 -18.73
C VAL D 172 15.36 25.03 -18.22
N ASN D 173 16.41 25.64 -18.80
CA ASN D 173 17.74 25.45 -18.25
C ASN D 173 18.02 26.51 -17.18
N LYS D 174 19.18 26.40 -16.53
CA LYS D 174 19.47 27.21 -15.34
C LYS D 174 19.69 28.68 -15.70
N THR D 175 20.32 28.95 -16.85
CA THR D 175 20.64 30.33 -17.22
C THR D 175 19.39 31.13 -17.57
N VAL D 176 18.37 30.47 -18.11
CA VAL D 176 17.11 31.16 -18.37
C VAL D 176 16.23 31.15 -17.11
N HIS D 177 16.39 30.14 -16.24
CA HIS D 177 15.65 30.10 -14.98
C HIS D 177 16.05 31.24 -14.06
N ARG D 178 17.34 31.56 -13.98
CA ARG D 178 17.78 32.69 -13.17
C ARG D 178 17.36 34.03 -13.76
N MET D 179 17.05 34.06 -15.06
CA MET D 179 16.63 35.29 -15.72
C MET D 179 15.18 35.68 -15.39
N ILE D 180 14.31 34.71 -15.13
CA ILE D 180 12.89 35.00 -14.98
C ILE D 180 12.40 34.89 -13.53
N PHE D 181 13.14 34.26 -12.62
CA PHE D 181 12.50 33.76 -11.40
C PHE D 181 12.32 34.87 -10.37
N SER D 182 13.40 35.59 -10.06
CA SER D 182 13.45 36.70 -9.10
C SER D 182 12.93 36.32 -7.71
N ASP E 44 1.85 15.02 -24.56
CA ASP E 44 1.70 16.32 -23.92
C ASP E 44 2.52 17.38 -24.64
N GLU E 45 1.98 18.60 -24.68
CA GLU E 45 2.69 19.71 -25.31
C GLU E 45 3.82 20.21 -24.41
N SER E 46 4.91 20.67 -25.04
CA SER E 46 6.07 21.15 -24.30
C SER E 46 6.84 22.21 -25.08
N PRO E 47 6.99 23.42 -24.54
CA PRO E 47 7.84 24.42 -25.18
C PRO E 47 9.27 24.39 -24.67
N SER E 48 10.22 24.67 -25.58
CA SER E 48 11.62 24.87 -25.21
C SER E 48 11.79 26.37 -25.02
N PHE E 49 11.61 26.80 -23.77
CA PHE E 49 11.57 28.18 -23.32
C PHE E 49 12.99 28.75 -23.33
N ASN E 50 13.46 29.27 -24.47
CA ASN E 50 14.90 29.46 -24.61
C ASN E 50 15.25 30.88 -25.05
N THR E 51 16.53 31.19 -24.98
CA THR E 51 17.00 32.54 -25.30
C THR E 51 17.28 32.65 -26.79
N SER E 52 17.63 33.86 -27.22
CA SER E 52 17.90 34.11 -28.63
C SER E 52 19.34 33.76 -28.98
N ILE E 63 16.53 39.08 -22.36
CA ILE E 63 15.97 40.35 -22.78
C ILE E 63 14.97 40.04 -23.87
N SER E 64 15.47 39.57 -25.02
CA SER E 64 14.64 39.09 -26.11
C SER E 64 14.76 37.57 -26.19
N LEU E 65 13.63 36.88 -26.11
CA LEU E 65 13.61 35.47 -25.78
C LEU E 65 12.61 34.78 -26.70
N THR E 66 12.85 33.49 -26.99
CA THR E 66 12.15 32.72 -28.01
C THR E 66 11.29 31.63 -27.38
N PHE E 67 10.06 31.48 -27.92
CA PHE E 67 9.04 30.50 -27.54
C PHE E 67 8.91 29.49 -28.67
N SER E 68 9.33 28.24 -28.43
CA SER E 68 9.09 27.18 -29.40
C SER E 68 7.96 26.28 -28.90
N TYR E 69 7.74 25.15 -29.58
CA TYR E 69 6.71 24.20 -29.19
C TYR E 69 7.11 22.77 -29.59
N PHE E 70 6.50 21.81 -28.88
CA PHE E 70 6.65 20.36 -29.10
C PHE E 70 8.11 19.89 -29.10
N ASN E 85 -10.35 39.82 -19.79
CA ASN E 85 -9.68 38.68 -20.40
C ASN E 85 -9.75 37.46 -19.49
N ASP E 86 -8.95 36.44 -19.81
CA ASP E 86 -8.89 35.20 -19.04
C ASP E 86 -7.48 34.96 -18.47
N CYS E 87 -6.75 36.04 -18.20
CA CYS E 87 -5.36 35.94 -17.81
C CYS E 87 -5.05 36.95 -16.70
N ASP E 88 -4.11 36.58 -15.84
CA ASP E 88 -3.57 37.45 -14.81
C ASP E 88 -2.08 37.58 -15.05
N ALA E 89 -1.59 38.81 -15.17
CA ALA E 89 -0.19 39.03 -15.53
C ALA E 89 0.75 38.72 -14.37
N GLU E 90 0.28 38.92 -13.13
CA GLU E 90 1.11 38.69 -11.95
C GLU E 90 1.14 37.21 -11.62
N LEU E 91 2.34 36.63 -11.61
CA LEU E 91 2.54 35.20 -11.37
C LEU E 91 3.56 35.01 -10.27
N ARG E 92 3.08 34.77 -9.04
CA ARG E 92 3.92 34.40 -7.92
C ARG E 92 3.78 32.89 -7.66
N ILE E 93 4.92 32.21 -7.53
CA ILE E 93 4.97 30.76 -7.43
C ILE E 93 5.86 30.36 -6.25
N TRP E 94 5.84 29.08 -5.94
CA TRP E 94 6.70 28.46 -4.95
C TRP E 94 7.58 27.42 -5.63
N SER E 95 8.81 27.28 -5.12
CA SER E 95 9.82 26.43 -5.76
C SER E 95 10.80 25.95 -4.69
N VAL E 96 11.85 25.28 -5.15
CA VAL E 96 12.77 24.53 -4.28
C VAL E 96 14.16 25.14 -4.46
N GLN E 97 14.47 26.18 -3.67
CA GLN E 97 15.81 26.77 -3.46
C GLN E 97 16.61 27.00 -4.76
N GLU E 98 16.20 28.07 -5.46
CA GLU E 98 16.70 28.53 -6.76
C GLU E 98 18.20 28.37 -7.05
N ASP E 99 19.08 28.69 -6.10
CA ASP E 99 20.50 28.43 -6.26
C ASP E 99 21.10 28.20 -4.87
N ASP E 100 22.42 27.98 -4.86
CA ASP E 100 23.18 27.54 -3.68
C ASP E 100 22.54 26.31 -3.05
N LEU E 101 22.52 25.23 -3.83
CA LEU E 101 21.94 23.96 -3.40
C LEU E 101 22.70 23.32 -2.25
N ALA E 102 23.97 23.69 -2.08
CA ALA E 102 24.84 23.11 -1.07
C ALA E 102 25.10 24.09 0.06
N ALA E 103 25.49 23.54 1.20
CA ALA E 103 26.03 24.29 2.33
C ALA E 103 27.02 23.35 3.03
N GLY E 104 27.36 23.66 4.27
CA GLY E 104 28.21 22.78 5.04
C GLY E 104 27.56 21.45 5.34
N LEU E 105 26.36 21.50 5.93
CA LEU E 105 25.63 20.30 6.32
C LEU E 105 24.14 20.44 6.02
N SER E 106 23.79 20.87 4.82
CA SER E 106 22.38 21.06 4.49
C SER E 106 21.78 19.94 3.64
N TRP E 107 22.60 19.17 2.93
CA TRP E 107 22.08 18.10 2.10
C TRP E 107 21.66 16.88 2.90
N ILE E 108 22.16 16.75 4.13
CA ILE E 108 21.67 15.72 5.06
C ILE E 108 20.22 16.02 5.43
N PRO E 109 19.33 15.02 5.50
CA PRO E 109 17.95 15.30 5.91
C PRO E 109 17.76 15.53 7.40
N PHE E 110 18.75 15.24 8.24
CA PHE E 110 18.61 15.55 9.66
C PHE E 110 18.77 17.04 9.91
N PHE E 111 19.73 17.68 9.25
CA PHE E 111 19.88 19.12 9.31
C PHE E 111 19.23 19.81 8.12
N GLY E 112 18.20 19.18 7.55
CA GLY E 112 17.56 19.70 6.36
C GLY E 112 16.51 20.74 6.66
N PRO E 113 15.79 21.18 5.62
CA PRO E 113 14.78 22.22 5.83
C PRO E 113 13.56 21.75 6.59
N GLY E 114 13.04 20.58 6.27
CA GLY E 114 11.80 20.08 6.86
C GLY E 114 10.68 20.06 5.84
N ILE E 115 9.54 19.52 6.28
CA ILE E 115 8.39 19.37 5.40
C ILE E 115 7.59 20.66 5.28
N GLU E 116 7.73 21.57 6.24
CA GLU E 116 6.94 22.81 6.23
C GLU E 116 7.72 24.03 5.75
N GLY E 117 9.05 23.95 5.67
CA GLY E 117 9.84 25.11 5.32
C GLY E 117 10.86 24.92 4.23
N LEU E 118 10.54 24.12 3.21
CA LEU E 118 11.47 23.84 2.12
C LEU E 118 11.11 24.59 0.84
N TYR E 119 10.21 25.56 0.91
CA TYR E 119 9.69 26.24 -0.26
C TYR E 119 10.13 27.70 -0.26
N THR E 120 10.61 28.17 -1.41
CA THR E 120 10.93 29.57 -1.63
C THR E 120 9.93 30.20 -2.58
N ALA E 121 9.82 31.52 -2.52
CA ALA E 121 8.82 32.26 -3.28
C ALA E 121 9.49 33.04 -4.41
N GLY E 122 8.90 32.95 -5.61
CA GLY E 122 9.42 33.68 -6.75
C GLY E 122 8.30 34.33 -7.53
N LEU E 123 8.67 35.19 -8.47
CA LEU E 123 7.73 35.97 -9.26
C LEU E 123 8.19 35.95 -10.72
N ILE E 124 7.49 35.17 -11.55
CA ILE E 124 7.80 35.14 -12.98
C ILE E 124 7.20 36.37 -13.63
N LYS E 125 8.03 37.14 -14.33
CA LYS E 125 7.62 38.39 -14.96
C LYS E 125 7.05 38.14 -16.35
N ASN E 126 6.02 38.89 -16.70
CA ASN E 126 5.36 38.77 -18.00
C ASN E 126 6.15 39.60 -19.02
N GLN E 127 7.24 38.99 -19.50
CA GLN E 127 8.16 39.70 -20.39
C GLN E 127 7.58 39.81 -21.80
N ASN E 128 7.34 38.68 -22.45
CA ASN E 128 6.81 38.66 -23.81
C ASN E 128 5.49 37.90 -23.85
N ASN E 129 4.59 38.24 -22.92
CA ASN E 129 3.32 37.54 -22.67
C ASN E 129 3.58 36.06 -22.33
N LEU E 130 4.52 35.84 -21.41
CA LEU E 130 4.81 34.48 -20.96
C LEU E 130 3.70 33.91 -20.09
N VAL E 131 3.22 34.69 -19.13
CA VAL E 131 2.31 34.16 -18.11
C VAL E 131 0.97 33.77 -18.74
N CYS E 132 0.46 34.61 -19.64
CA CYS E 132 -0.81 34.34 -20.31
C CYS E 132 -0.74 33.09 -21.17
N ARG E 133 0.37 32.92 -21.89
CA ARG E 133 0.49 31.79 -22.80
C ARG E 133 0.80 30.50 -22.04
N LEU E 134 1.48 30.59 -20.90
CA LEU E 134 1.62 29.44 -20.02
C LEU E 134 0.29 29.03 -19.42
N ARG E 135 -0.57 30.00 -19.07
CA ARG E 135 -1.91 29.69 -18.57
C ARG E 135 -2.75 29.01 -19.65
N ARG E 136 -2.66 29.49 -20.89
CA ARG E 136 -3.37 28.85 -22.01
C ARG E 136 -2.88 27.43 -22.25
N LEU E 137 -1.55 27.24 -22.21
CA LEU E 137 -0.96 25.91 -22.40
C LEU E 137 -1.38 24.96 -21.29
N ALA E 138 -1.43 25.44 -20.04
CA ALA E 138 -1.88 24.63 -18.93
C ALA E 138 -3.36 24.26 -19.08
N ASN E 139 -4.17 25.20 -19.58
CA ASN E 139 -5.59 24.91 -19.73
C ASN E 139 -5.86 23.96 -20.89
N GLN E 140 -4.97 23.88 -21.88
CA GLN E 140 -5.17 22.94 -22.99
C GLN E 140 -4.38 21.64 -22.84
N THR E 141 -3.52 21.51 -21.84
CA THR E 141 -2.77 20.27 -21.62
C THR E 141 -3.65 19.13 -21.09
N ALA E 142 -4.76 19.48 -20.42
CA ALA E 142 -5.59 18.49 -19.71
C ALA E 142 -6.26 17.49 -20.66
N LYS E 143 -6.53 17.91 -21.90
CA LYS E 143 -7.04 17.01 -22.94
C LYS E 143 -6.13 15.80 -23.15
N SER E 144 -4.84 16.04 -23.33
CA SER E 144 -3.91 14.92 -23.49
C SER E 144 -3.65 14.22 -22.17
N LEU E 145 -3.64 14.98 -21.06
CA LEU E 145 -3.20 14.40 -19.79
C LEU E 145 -4.23 13.42 -19.21
N GLU E 146 -5.53 13.75 -19.30
CA GLU E 146 -6.54 12.84 -18.77
C GLU E 146 -6.67 11.57 -19.62
N LEU E 147 -6.50 11.70 -20.95
CA LEU E 147 -6.50 10.53 -21.80
C LEU E 147 -5.27 9.67 -21.60
N LEU E 148 -4.14 10.28 -21.21
CA LEU E 148 -2.97 9.48 -20.86
C LEU E 148 -3.16 8.77 -19.52
N LEU E 149 -3.81 9.44 -18.56
CA LEU E 149 -4.04 8.82 -17.26
C LEU E 149 -5.14 7.76 -17.28
N ARG E 150 -6.04 7.81 -18.28
CA ARG E 150 -7.11 6.82 -18.36
C ARG E 150 -6.58 5.43 -18.70
N VAL E 151 -5.53 5.34 -19.53
CA VAL E 151 -5.04 4.06 -20.04
C VAL E 151 -4.40 3.24 -18.92
N THR E 152 -3.58 3.88 -18.09
CA THR E 152 -2.90 3.17 -17.01
C THR E 152 -3.88 2.77 -15.91
N THR E 153 -3.52 1.72 -15.16
CA THR E 153 -4.37 1.17 -14.13
C THR E 153 -3.82 1.35 -12.72
N GLU E 154 -2.60 1.88 -12.59
CA GLU E 154 -2.03 2.10 -11.26
C GLU E 154 -2.58 3.37 -10.64
N GLU E 155 -2.87 3.31 -9.34
CA GLU E 155 -3.53 4.40 -8.63
C GLU E 155 -2.57 5.18 -7.72
N ARG E 156 -1.27 4.92 -7.80
CA ARG E 156 -0.30 5.71 -7.06
C ARG E 156 0.15 6.89 -7.91
N THR E 157 1.09 7.68 -7.38
CA THR E 157 1.64 8.81 -8.12
C THR E 157 2.40 8.33 -9.34
N PHE E 158 2.23 9.06 -10.44
CA PHE E 158 2.71 8.65 -11.76
C PHE E 158 3.67 9.71 -12.28
N SER E 159 4.95 9.34 -12.39
CA SER E 159 5.95 10.27 -12.91
C SER E 159 5.78 10.44 -14.41
N LEU E 160 6.21 11.60 -14.91
CA LEU E 160 5.95 11.98 -16.30
C LEU E 160 7.16 12.52 -17.05
N ILE E 161 8.21 12.97 -16.36
CA ILE E 161 9.33 13.64 -17.03
C ILE E 161 10.16 12.67 -17.86
N ASN E 162 10.17 11.38 -17.48
CA ASN E 162 10.86 10.37 -18.28
C ASN E 162 10.19 10.17 -19.63
N ARG E 163 8.86 10.19 -19.64
CA ARG E 163 8.10 10.07 -20.89
C ARG E 163 8.36 11.26 -21.81
N ILE E 164 8.46 12.46 -21.24
CA ILE E 164 8.74 13.66 -22.03
C ILE E 164 10.16 13.60 -22.61
N ALA E 165 11.13 13.14 -21.82
CA ALA E 165 12.50 13.02 -22.31
C ALA E 165 12.62 11.98 -23.41
N ILE E 166 11.97 10.82 -23.25
CA ILE E 166 11.98 9.79 -24.27
C ILE E 166 11.23 10.24 -25.52
N ASP E 167 10.16 11.03 -25.37
CA ASP E 167 9.47 11.61 -26.51
C ASP E 167 10.36 12.59 -27.27
N PHE E 168 11.13 13.39 -26.54
CA PHE E 168 12.06 14.33 -27.19
C PHE E 168 13.16 13.58 -27.95
N LEU E 169 13.69 12.51 -27.35
CA LEU E 169 14.70 11.69 -28.02
C LEU E 169 14.15 10.98 -29.25
N LEU E 170 12.92 10.48 -29.16
CA LEU E 170 12.31 9.79 -30.29
C LEU E 170 11.97 10.75 -31.42
N THR E 171 11.47 11.93 -31.09
CA THR E 171 11.05 12.88 -32.12
C THR E 171 12.22 13.58 -32.79
N ARG E 172 13.29 13.90 -32.05
CA ARG E 172 14.36 14.67 -32.70
C ARG E 172 15.20 13.78 -33.60
N TRP E 173 15.37 12.51 -33.26
CA TRP E 173 15.96 11.55 -34.20
C TRP E 173 14.92 11.11 -35.24
N GLY F 41 12.24 -1.21 -38.38
CA GLY F 41 11.94 0.08 -38.97
C GLY F 41 12.30 1.25 -38.07
N THR F 42 11.31 2.10 -37.78
CA THR F 42 11.49 3.26 -36.93
C THR F 42 10.38 3.32 -35.89
N LEU F 43 10.64 4.09 -34.84
CA LEU F 43 9.69 4.23 -33.74
C LEU F 43 9.60 5.71 -33.40
N GLN F 44 8.39 6.27 -33.45
CA GLN F 44 8.20 7.71 -33.37
C GLN F 44 7.72 8.19 -32.01
N LYS F 45 6.72 7.54 -31.42
CA LYS F 45 6.20 7.95 -30.13
C LYS F 45 6.28 6.80 -29.14
N THR F 46 6.30 7.15 -27.85
CA THR F 46 6.44 6.16 -26.78
C THR F 46 5.20 5.26 -26.70
N GLU F 47 4.03 5.79 -27.05
CA GLU F 47 2.78 5.03 -27.03
C GLU F 47 2.60 4.12 -28.23
N ASP F 48 3.55 4.08 -29.16
CA ASP F 48 3.42 3.23 -30.34
C ASP F 48 3.80 1.78 -30.08
N VAL F 49 4.29 1.45 -28.90
CA VAL F 49 4.58 0.05 -28.58
C VAL F 49 3.37 -0.55 -27.88
N HIS F 50 3.17 -1.85 -28.11
CA HIS F 50 2.06 -2.58 -27.51
C HIS F 50 2.55 -3.89 -26.90
N LEU F 51 1.83 -4.35 -25.89
CA LEU F 51 2.11 -5.63 -25.23
C LEU F 51 0.79 -6.41 -25.19
N MET F 52 0.63 -7.36 -26.10
CA MET F 52 -0.58 -8.19 -26.11
C MET F 52 -0.41 -9.48 -25.31
N GLY F 53 -1.50 -9.89 -24.67
CA GLY F 53 -1.55 -11.17 -24.00
C GLY F 53 -2.31 -12.21 -24.80
N PHE F 54 -1.60 -13.20 -25.31
CA PHE F 54 -2.20 -14.29 -26.09
C PHE F 54 -2.44 -15.47 -25.16
N THR F 55 -3.63 -16.04 -25.23
CA THR F 55 -4.01 -17.12 -24.33
C THR F 55 -3.49 -18.46 -24.83
N LEU F 56 -3.33 -19.40 -23.90
CA LEU F 56 -2.86 -20.74 -24.25
C LEU F 56 -3.93 -21.55 -24.98
N SER F 57 -5.20 -21.17 -24.85
CA SER F 57 -6.28 -21.85 -25.56
C SER F 57 -6.20 -21.65 -27.08
N GLY F 58 -5.57 -20.57 -27.52
CA GLY F 58 -5.26 -20.39 -28.92
C GLY F 58 -4.04 -21.14 -29.41
N GLN F 59 -3.32 -21.80 -28.50
CA GLN F 59 -2.17 -22.63 -28.84
C GLN F 59 -2.54 -24.11 -28.95
N LYS F 60 -3.83 -24.40 -29.11
CA LYS F 60 -4.38 -25.76 -29.18
C LYS F 60 -4.02 -26.59 -27.95
N VAL F 61 -4.07 -25.94 -26.78
CA VAL F 61 -3.79 -26.57 -25.49
C VAL F 61 -5.11 -26.82 -24.79
N ALA F 62 -5.22 -27.98 -24.13
CA ALA F 62 -6.45 -28.34 -23.43
C ALA F 62 -6.72 -27.40 -22.27
N ASP F 63 -7.98 -26.96 -22.16
CA ASP F 63 -8.37 -25.93 -21.21
C ASP F 63 -9.47 -26.37 -20.24
N SER F 64 -9.77 -27.67 -20.19
CA SER F 64 -10.71 -28.18 -19.19
C SER F 64 -10.07 -28.05 -17.80
N PRO F 65 -10.89 -27.88 -16.75
CA PRO F 65 -10.35 -27.68 -15.39
C PRO F 65 -9.47 -28.80 -14.87
N LEU F 66 -9.80 -30.06 -15.19
CA LEU F 66 -8.91 -31.17 -14.86
C LEU F 66 -7.59 -31.09 -15.61
N GLU F 67 -7.63 -30.82 -16.90
CA GLU F 67 -6.40 -30.80 -17.67
C GLU F 67 -5.63 -29.50 -17.52
N ALA F 68 -6.22 -28.46 -16.92
CA ALA F 68 -5.52 -27.23 -16.61
C ALA F 68 -5.06 -27.14 -15.16
N SER F 69 -5.63 -27.95 -14.26
CA SER F 69 -5.20 -27.95 -12.87
C SER F 69 -3.86 -28.66 -12.69
N LYS F 70 -3.38 -29.39 -13.70
CA LYS F 70 -2.10 -30.08 -13.66
C LYS F 70 -0.93 -29.19 -14.10
N ARG F 71 -1.15 -27.88 -14.18
CA ARG F 71 -0.11 -26.92 -14.49
C ARG F 71 0.08 -25.89 -13.38
N TRP F 72 -0.56 -26.09 -12.23
CA TRP F 72 -0.56 -25.16 -11.11
C TRP F 72 -0.08 -25.89 -9.87
N ALA F 73 0.77 -25.23 -9.08
CA ALA F 73 1.28 -25.86 -7.86
C ALA F 73 1.65 -24.81 -6.83
N PHE F 74 1.67 -25.23 -5.55
CA PHE F 74 2.05 -24.36 -4.46
C PHE F 74 3.55 -24.48 -4.17
N ARG F 75 4.15 -23.35 -3.79
CA ARG F 75 5.56 -23.34 -3.40
C ARG F 75 5.82 -22.15 -2.48
N THR F 76 6.68 -22.36 -1.50
CA THR F 76 7.14 -21.30 -0.61
C THR F 76 8.41 -20.66 -1.17
N GLY F 77 8.77 -19.51 -0.59
CA GLY F 77 10.07 -18.91 -0.81
C GLY F 77 10.22 -18.01 -2.01
N VAL F 78 9.15 -17.74 -2.76
CA VAL F 78 9.24 -16.84 -3.91
C VAL F 78 8.25 -15.69 -3.76
N PRO F 79 8.68 -14.45 -4.05
CA PRO F 79 7.74 -13.33 -4.07
C PRO F 79 6.83 -13.38 -5.28
N PRO F 80 5.65 -12.77 -5.22
CA PRO F 80 4.83 -12.60 -6.42
C PRO F 80 5.22 -11.34 -7.19
N LYS F 81 4.99 -11.39 -8.51
CA LYS F 81 5.32 -10.29 -9.39
C LYS F 81 4.16 -9.97 -10.31
N ASN F 82 4.09 -8.70 -10.74
CA ASN F 82 3.07 -8.21 -11.65
C ASN F 82 3.72 -7.39 -12.76
N VAL F 83 3.10 -7.40 -13.93
CA VAL F 83 3.61 -6.65 -15.08
C VAL F 83 2.42 -6.08 -15.85
N GLU F 84 2.56 -4.84 -16.31
CA GLU F 84 1.50 -4.17 -17.07
C GLU F 84 1.53 -4.58 -18.53
N TYR F 85 0.35 -4.85 -19.08
CA TYR F 85 0.19 -5.07 -20.52
C TYR F 85 -1.00 -4.27 -21.01
N THR F 86 -1.01 -3.94 -22.30
CA THR F 86 -1.94 -2.97 -22.85
C THR F 86 -3.27 -3.58 -23.27
N GLU F 87 -3.24 -4.69 -24.02
CA GLU F 87 -4.43 -5.27 -24.61
C GLU F 87 -4.20 -6.76 -24.79
N GLY F 88 -5.15 -7.46 -25.40
CA GLY F 88 -4.96 -8.87 -25.59
C GLY F 88 -6.20 -9.57 -26.12
N GLU F 89 -6.04 -10.89 -26.26
CA GLU F 89 -7.08 -11.77 -26.79
C GLU F 89 -7.99 -12.25 -25.67
N GLU F 90 -9.29 -12.27 -25.94
CA GLU F 90 -10.22 -12.88 -25.01
C GLU F 90 -10.20 -14.40 -25.16
N ALA F 91 -10.27 -15.10 -24.02
CA ALA F 91 -10.08 -16.53 -23.97
C ALA F 91 -11.39 -17.28 -24.15
N LYS F 92 -11.27 -18.52 -24.61
CA LYS F 92 -12.44 -19.41 -24.67
C LYS F 92 -12.83 -19.86 -23.27
N THR F 93 -11.87 -20.02 -22.38
CA THR F 93 -12.10 -20.57 -21.04
C THR F 93 -11.41 -19.70 -19.99
N CYS F 94 -12.15 -19.33 -18.95
CA CYS F 94 -11.63 -18.58 -17.82
C CYS F 94 -12.05 -19.27 -16.53
N TYR F 95 -11.36 -18.94 -15.44
CA TYR F 95 -11.50 -19.68 -14.19
C TYR F 95 -11.66 -18.73 -13.01
N ASN F 96 -12.44 -19.16 -12.02
CA ASN F 96 -12.65 -18.43 -10.76
C ASN F 96 -12.45 -19.45 -9.65
N ILE F 97 -11.32 -19.34 -8.93
CA ILE F 97 -10.82 -20.40 -8.07
C ILE F 97 -10.58 -19.86 -6.66
N SER F 98 -11.11 -20.56 -5.65
CA SER F 98 -10.80 -20.30 -4.24
C SER F 98 -10.35 -21.59 -3.58
N VAL F 99 -9.22 -21.51 -2.86
CA VAL F 99 -8.63 -22.66 -2.17
C VAL F 99 -8.40 -22.29 -0.71
N THR F 100 -8.91 -23.10 0.22
CA THR F 100 -8.79 -22.89 1.65
C THR F 100 -8.17 -24.12 2.30
N ASP F 101 -7.59 -23.92 3.49
CA ASP F 101 -7.01 -25.02 4.27
C ASP F 101 -8.11 -25.63 5.14
N PRO F 102 -7.85 -26.75 5.86
CA PRO F 102 -8.84 -27.18 6.86
C PRO F 102 -9.08 -26.23 8.03
N SER F 103 -8.16 -25.30 8.30
CA SER F 103 -8.39 -24.35 9.38
C SER F 103 -9.47 -23.33 8.99
N GLY F 104 -9.37 -22.81 7.78
CA GLY F 104 -10.36 -21.87 7.29
C GLY F 104 -9.78 -20.73 6.50
N LYS F 105 -8.50 -20.44 6.68
CA LYS F 105 -7.88 -19.35 5.94
C LYS F 105 -7.57 -19.80 4.52
N SER F 106 -7.41 -18.83 3.63
CA SER F 106 -7.18 -19.13 2.23
C SER F 106 -5.71 -19.34 1.91
N LEU F 107 -5.45 -20.29 1.01
CA LEU F 107 -4.09 -20.57 0.56
C LEU F 107 -3.62 -19.65 -0.56
N LEU F 108 -4.52 -18.88 -1.17
CA LEU F 108 -4.13 -17.90 -2.17
C LEU F 108 -3.95 -16.54 -1.50
N LEU F 109 -3.79 -15.49 -2.30
CA LEU F 109 -3.49 -14.15 -1.80
C LEU F 109 -4.64 -13.19 -2.07
N ASP F 110 -4.74 -12.16 -1.23
CA ASP F 110 -5.70 -11.09 -1.47
C ASP F 110 -5.31 -10.28 -2.70
N PRO F 111 -6.28 -9.86 -3.50
CA PRO F 111 -5.97 -9.05 -4.68
C PRO F 111 -5.71 -7.60 -4.30
N PRO F 112 -4.66 -7.00 -4.86
CA PRO F 112 -4.51 -5.54 -4.72
C PRO F 112 -5.60 -4.74 -5.43
N SER F 113 -5.54 -3.41 -5.29
CA SER F 113 -6.56 -2.55 -5.88
C SER F 113 -6.48 -2.50 -7.40
N ASN F 114 -5.32 -2.78 -7.99
CA ASN F 114 -5.19 -2.75 -9.45
C ASN F 114 -5.67 -4.02 -10.13
N ILE F 115 -5.85 -5.11 -9.39
CA ILE F 115 -6.30 -6.36 -9.99
C ILE F 115 -7.80 -6.31 -10.20
N ARG F 116 -8.23 -6.60 -11.43
CA ARG F 116 -9.64 -6.68 -11.77
C ARG F 116 -9.91 -8.00 -12.48
N ASP F 117 -11.17 -8.24 -12.78
CA ASP F 117 -11.55 -9.45 -13.50
C ASP F 117 -11.12 -9.35 -14.96
N TYR F 118 -10.94 -10.52 -15.58
CA TYR F 118 -10.56 -10.55 -16.99
C TYR F 118 -11.74 -10.09 -17.84
N PRO F 119 -11.50 -9.20 -18.85
CA PRO F 119 -12.59 -8.48 -19.51
C PRO F 119 -13.66 -9.32 -20.21
N LYS F 120 -13.27 -10.14 -21.18
CA LYS F 120 -14.21 -10.94 -21.94
C LYS F 120 -13.82 -12.40 -21.85
N CYS F 121 -14.80 -13.26 -21.52
CA CYS F 121 -14.60 -14.70 -21.46
C CYS F 121 -15.82 -15.38 -22.03
N LYS F 122 -15.60 -16.42 -22.85
CA LYS F 122 -16.72 -17.15 -23.43
C LYS F 122 -17.42 -18.02 -22.38
N THR F 123 -16.66 -18.69 -21.52
CA THR F 123 -17.22 -19.41 -20.40
C THR F 123 -16.29 -19.26 -19.20
N VAL F 124 -16.88 -19.30 -18.00
CA VAL F 124 -16.16 -19.15 -16.74
C VAL F 124 -16.48 -20.35 -15.86
N HIS F 125 -15.46 -21.02 -15.37
CA HIS F 125 -15.61 -22.19 -14.51
C HIS F 125 -15.41 -21.78 -13.06
N HIS F 126 -16.40 -22.10 -12.22
CA HIS F 126 -16.38 -21.75 -10.81
C HIS F 126 -15.97 -22.98 -10.01
N ILE F 127 -14.82 -22.91 -9.34
CA ILE F 127 -14.23 -24.07 -8.67
C ILE F 127 -13.89 -23.67 -7.23
N GLN F 128 -14.32 -24.48 -6.27
CA GLN F 128 -13.93 -24.35 -4.88
C GLN F 128 -13.20 -25.60 -4.44
N GLY F 129 -12.27 -25.45 -3.50
CA GLY F 129 -11.48 -26.60 -3.09
C GLY F 129 -10.90 -26.47 -1.70
N GLN F 130 -10.44 -27.62 -1.20
CA GLN F 130 -9.77 -27.74 0.08
C GLN F 130 -8.49 -28.52 -0.10
N ASN F 131 -7.36 -27.93 0.29
CA ASN F 131 -6.04 -28.53 0.04
C ASN F 131 -5.29 -28.58 1.37
N PRO F 132 -5.31 -29.74 2.07
CA PRO F 132 -4.66 -29.82 3.39
C PRO F 132 -3.14 -29.74 3.37
N HIS F 133 -2.52 -30.69 2.65
CA HIS F 133 -1.04 -30.83 2.63
C HIS F 133 -0.38 -29.98 1.54
N ALA F 134 -0.49 -28.66 1.64
CA ALA F 134 0.20 -27.76 0.73
C ALA F 134 0.28 -26.39 1.40
N GLN F 135 1.40 -25.70 1.16
CA GLN F 135 1.60 -24.36 1.71
C GLN F 135 2.41 -23.55 0.71
N GLY F 136 2.26 -22.23 0.80
CA GLY F 136 2.98 -21.30 -0.05
C GLY F 136 2.05 -20.52 -0.95
N ILE F 137 2.57 -20.12 -2.11
CA ILE F 137 1.79 -19.36 -3.08
C ILE F 137 1.60 -20.24 -4.32
N ALA F 138 0.61 -19.87 -5.13
CA ALA F 138 0.30 -20.60 -6.35
C ALA F 138 1.18 -20.11 -7.50
N LEU F 139 1.68 -21.06 -8.28
CA LEU F 139 2.58 -20.77 -9.39
C LEU F 139 2.21 -21.66 -10.57
N HIS F 140 2.63 -21.23 -11.76
CA HIS F 140 2.36 -21.92 -13.00
C HIS F 140 3.57 -22.78 -13.36
N LEU F 141 3.32 -24.05 -13.69
CA LEU F 141 4.42 -24.98 -13.94
C LEU F 141 5.10 -24.74 -15.27
N TRP F 142 4.36 -24.25 -16.28
CA TRP F 142 4.95 -24.02 -17.59
C TRP F 142 5.71 -22.71 -17.69
N GLY F 143 5.65 -21.86 -16.67
CA GLY F 143 6.24 -20.55 -16.75
C GLY F 143 5.36 -19.49 -17.38
N ALA F 144 4.08 -19.79 -17.61
CA ALA F 144 3.16 -18.84 -18.22
C ALA F 144 2.65 -17.86 -17.17
N PHE F 145 1.76 -16.97 -17.60
CA PHE F 145 1.28 -15.90 -16.74
C PHE F 145 -0.22 -15.99 -16.54
N PHE F 146 -0.66 -15.55 -15.37
CA PHE F 146 -2.09 -15.46 -15.02
C PHE F 146 -2.58 -14.08 -15.43
N LEU F 147 -3.34 -14.03 -16.52
CA LEU F 147 -3.79 -12.77 -17.09
C LEU F 147 -5.06 -12.29 -16.40
N TYR F 148 -5.07 -11.01 -16.06
CA TYR F 148 -6.19 -10.24 -15.52
C TYR F 148 -6.41 -9.02 -16.42
N ASP F 149 -7.20 -8.06 -15.93
CA ASP F 149 -7.43 -6.82 -16.67
C ASP F 149 -6.16 -5.98 -16.67
N ARG F 150 -5.40 -6.08 -17.78
CA ARG F 150 -4.20 -5.30 -18.07
C ARG F 150 -3.08 -5.49 -17.05
N VAL F 151 -3.10 -6.60 -16.30
CA VAL F 151 -2.04 -6.97 -15.38
C VAL F 151 -1.80 -8.46 -15.53
N ALA F 152 -0.56 -8.86 -15.84
CA ALA F 152 -0.17 -10.26 -15.89
C ALA F 152 0.62 -10.59 -14.63
N SER F 153 0.32 -11.74 -14.03
CA SER F 153 0.87 -12.09 -12.73
C SER F 153 1.53 -13.46 -12.79
N THR F 154 2.50 -13.65 -11.89
CA THR F 154 3.11 -14.95 -11.67
C THR F 154 2.37 -15.78 -10.63
N THR F 155 1.38 -15.20 -9.95
CA THR F 155 0.60 -15.89 -8.94
C THR F 155 -0.89 -15.74 -9.26
N MET F 156 -1.71 -16.41 -8.46
CA MET F 156 -3.16 -16.44 -8.65
C MET F 156 -3.84 -15.89 -7.40
N TYR F 157 -4.78 -14.98 -7.59
CA TYR F 157 -5.42 -14.24 -6.51
C TYR F 157 -6.81 -14.81 -6.22
N ARG F 158 -7.49 -14.18 -5.27
CA ARG F 158 -8.77 -14.70 -4.77
C ARG F 158 -9.96 -13.97 -5.38
N GLY F 159 -10.93 -14.73 -5.88
CA GLY F 159 -12.18 -14.18 -6.34
C GLY F 159 -12.09 -13.40 -7.63
N LYS F 160 -11.00 -13.55 -8.38
CA LYS F 160 -10.72 -12.77 -9.56
C LYS F 160 -10.58 -13.70 -10.75
N VAL F 161 -11.31 -13.38 -11.81
CA VAL F 161 -11.32 -14.24 -12.99
C VAL F 161 -10.09 -13.95 -13.83
N PHE F 162 -9.33 -14.99 -14.14
CA PHE F 162 -8.06 -14.90 -14.84
C PHE F 162 -8.13 -15.76 -16.10
N THR F 163 -7.00 -15.82 -16.81
CA THR F 163 -6.79 -16.88 -17.79
C THR F 163 -5.29 -17.20 -17.81
N GLU F 164 -4.92 -18.22 -18.57
CA GLU F 164 -3.51 -18.51 -18.81
C GLU F 164 -3.07 -17.87 -20.12
N GLY F 165 -1.90 -17.24 -20.10
CA GLY F 165 -1.44 -16.61 -21.32
C GLY F 165 -0.03 -16.09 -21.20
N ASN F 166 0.46 -15.57 -22.31
CA ASN F 166 1.82 -15.05 -22.43
C ASN F 166 1.75 -13.74 -23.19
N ILE F 167 2.55 -12.75 -22.79
CA ILE F 167 2.47 -11.44 -23.40
C ILE F 167 3.69 -11.21 -24.29
N ALA F 168 3.49 -10.40 -25.32
CA ALA F 168 4.50 -10.09 -26.32
C ALA F 168 4.48 -8.60 -26.63
N ALA F 169 5.67 -8.02 -26.80
CA ALA F 169 5.84 -6.61 -27.04
C ALA F 169 6.22 -6.35 -28.49
N MET F 170 5.72 -5.26 -29.06
CA MET F 170 5.87 -5.00 -30.47
C MET F 170 5.72 -3.50 -30.73
N ILE F 171 6.03 -3.09 -31.96
CA ILE F 171 5.98 -1.70 -32.39
C ILE F 171 5.01 -1.58 -33.56
N VAL F 172 3.91 -0.86 -33.36
CA VAL F 172 2.89 -0.61 -34.38
C VAL F 172 2.56 0.87 -34.41
N ASN F 173 2.66 1.50 -35.58
CA ASN F 173 2.18 2.87 -35.71
C ASN F 173 0.71 2.88 -36.16
N LYS F 174 0.13 4.08 -36.21
CA LYS F 174 -1.31 4.22 -36.43
C LYS F 174 -1.73 3.80 -37.84
N THR F 175 -0.84 3.96 -38.82
CA THR F 175 -1.18 3.62 -40.21
C THR F 175 -1.38 2.12 -40.37
N VAL F 176 -0.42 1.31 -39.94
CA VAL F 176 -0.61 -0.13 -40.06
C VAL F 176 -1.52 -0.67 -38.98
N HIS F 177 -1.77 0.09 -37.91
CA HIS F 177 -2.83 -0.29 -36.97
C HIS F 177 -4.20 -0.21 -37.64
N ARG F 178 -4.47 0.90 -38.33
CA ARG F 178 -5.72 1.00 -39.11
C ARG F 178 -5.73 0.05 -40.29
N MET F 179 -4.56 -0.36 -40.78
CA MET F 179 -4.49 -1.37 -41.84
C MET F 179 -4.80 -2.78 -41.35
N ILE F 180 -4.44 -3.13 -40.12
CA ILE F 180 -4.64 -4.48 -39.59
C ILE F 180 -5.92 -4.59 -38.75
N PHE F 181 -6.14 -3.67 -37.82
CA PHE F 181 -7.24 -3.77 -36.86
C PHE F 181 -8.60 -3.63 -37.54
N SER F 182 -9.52 -4.51 -37.14
CA SER F 182 -10.89 -4.62 -37.66
C SER F 182 -10.94 -4.78 -39.19
N ASP G 44 14.07 -8.72 -24.10
CA ASP G 44 12.75 -8.88 -24.67
C ASP G 44 12.75 -8.64 -26.17
N GLU G 45 12.23 -9.61 -26.93
CA GLU G 45 12.16 -9.47 -28.37
C GLU G 45 11.04 -8.52 -28.77
N SER G 46 11.23 -7.85 -29.91
CA SER G 46 10.24 -6.90 -30.42
C SER G 46 10.30 -6.79 -31.93
N PRO G 47 9.23 -7.12 -32.63
CA PRO G 47 9.18 -6.93 -34.08
C PRO G 47 8.72 -5.52 -34.44
N SER G 48 8.99 -5.14 -35.68
CA SER G 48 8.59 -3.84 -36.21
C SER G 48 7.76 -4.09 -37.47
N PHE G 49 6.47 -3.77 -37.39
CA PHE G 49 5.55 -3.99 -38.50
C PHE G 49 5.60 -2.76 -39.41
N ASN G 50 6.40 -2.84 -40.47
CA ASN G 50 6.46 -1.81 -41.47
C ASN G 50 5.48 -2.15 -42.59
N THR G 51 5.31 -1.23 -43.54
CA THR G 51 4.39 -1.44 -44.65
C THR G 51 5.09 -1.39 -46.01
N SER G 52 6.41 -1.48 -46.03
CA SER G 52 7.16 -1.43 -47.28
C SER G 52 7.03 -2.73 -48.06
N ILE G 63 -1.92 -5.51 -50.00
CA ILE G 63 -1.03 -5.00 -48.97
C ILE G 63 -0.04 -6.08 -48.53
N SER G 64 1.16 -5.64 -48.14
CA SER G 64 2.22 -6.54 -47.70
C SER G 64 3.04 -5.84 -46.64
N LEU G 65 3.44 -6.57 -45.61
CA LEU G 65 4.15 -6.02 -44.47
C LEU G 65 5.47 -6.76 -44.26
N THR G 66 6.45 -6.05 -43.74
CA THR G 66 7.79 -6.58 -43.51
C THR G 66 8.05 -6.69 -42.01
N PHE G 67 8.85 -7.68 -41.64
CA PHE G 67 9.09 -8.03 -40.24
C PHE G 67 10.57 -7.88 -39.92
N SER G 68 10.87 -7.24 -38.80
CA SER G 68 12.25 -7.09 -38.34
C SER G 68 12.27 -7.19 -36.82
N TYR G 69 12.92 -8.23 -36.31
CA TYR G 69 12.97 -8.50 -34.88
C TYR G 69 14.06 -7.68 -34.21
N PHE G 70 13.98 -7.60 -32.88
CA PHE G 70 14.86 -6.80 -32.00
C PHE G 70 14.95 -5.33 -32.43
N ASN G 85 -1.66 -28.57 -35.51
CA ASN G 85 -0.59 -27.63 -35.18
C ASN G 85 -0.81 -27.00 -33.81
N ASP G 86 -0.06 -25.94 -33.53
CA ASP G 86 -0.14 -25.23 -32.26
C ASP G 86 -0.54 -23.76 -32.43
N CYS G 87 -1.29 -23.45 -33.48
CA CYS G 87 -1.61 -22.08 -33.83
C CYS G 87 -3.05 -22.00 -34.33
N ASP G 88 -3.74 -20.94 -33.94
CA ASP G 88 -5.12 -20.68 -34.36
C ASP G 88 -5.10 -19.47 -35.27
N ALA G 89 -5.74 -19.58 -36.44
CA ALA G 89 -5.69 -18.52 -37.43
C ALA G 89 -6.56 -17.32 -37.06
N GLU G 90 -7.71 -17.55 -36.45
CA GLU G 90 -8.65 -16.49 -36.12
C GLU G 90 -8.22 -15.81 -34.82
N LEU G 91 -7.93 -14.52 -34.90
CA LEU G 91 -7.49 -13.73 -33.75
C LEU G 91 -8.43 -12.54 -33.61
N ARG G 92 -9.17 -12.52 -32.50
CA ARG G 92 -9.98 -11.38 -32.12
C ARG G 92 -9.47 -10.84 -30.79
N ILE G 93 -9.53 -9.52 -30.61
CA ILE G 93 -8.91 -8.84 -29.48
C ILE G 93 -9.87 -7.79 -28.94
N TRP G 94 -9.53 -7.27 -27.76
CA TRP G 94 -10.16 -6.09 -27.18
C TRP G 94 -9.10 -5.00 -27.04
N SER G 95 -9.51 -3.74 -27.19
CA SER G 95 -8.56 -2.64 -27.27
C SER G 95 -9.14 -1.39 -26.63
N VAL G 96 -8.24 -0.49 -26.25
CA VAL G 96 -8.59 0.80 -25.67
C VAL G 96 -9.10 1.72 -26.78
N GLN G 97 -10.17 2.48 -26.48
CA GLN G 97 -10.86 3.30 -27.46
C GLN G 97 -9.98 4.40 -28.04
N GLU G 98 -10.17 4.67 -29.34
CA GLU G 98 -9.46 5.73 -30.05
C GLU G 98 -10.39 6.79 -30.62
N ASP G 99 -11.52 6.39 -31.19
CA ASP G 99 -12.46 7.33 -31.80
C ASP G 99 -13.19 8.16 -30.74
N ASP G 100 -13.25 7.66 -29.50
CA ASP G 100 -13.88 8.36 -28.39
C ASP G 100 -13.19 9.69 -28.08
N LEU G 101 -11.89 9.80 -28.43
CA LEU G 101 -11.16 11.06 -28.33
C LEU G 101 -11.78 12.17 -29.16
N ALA G 102 -12.46 11.81 -30.25
CA ALA G 102 -13.15 12.80 -31.08
C ALA G 102 -14.56 13.11 -30.60
N ALA G 103 -14.94 12.67 -29.39
CA ALA G 103 -16.28 12.95 -28.91
C ALA G 103 -16.46 14.42 -28.53
N GLY G 104 -15.47 15.00 -27.86
CA GLY G 104 -15.53 16.41 -27.51
C GLY G 104 -15.67 16.68 -26.03
N LEU G 105 -16.52 15.90 -25.36
CA LEU G 105 -16.73 16.04 -23.93
C LEU G 105 -16.40 14.78 -23.14
N SER G 106 -16.19 13.65 -23.81
CA SER G 106 -16.02 12.37 -23.13
C SER G 106 -14.60 12.12 -22.64
N TRP G 107 -13.65 13.02 -22.91
CA TRP G 107 -12.32 12.89 -22.34
C TRP G 107 -12.32 13.18 -20.84
N ILE G 108 -13.32 13.91 -20.36
CA ILE G 108 -13.49 14.15 -18.92
C ILE G 108 -13.89 12.85 -18.23
N PRO G 109 -13.29 12.51 -17.09
CA PRO G 109 -13.63 11.25 -16.41
C PRO G 109 -15.08 11.13 -15.96
N PHE G 110 -15.76 12.25 -15.70
CA PHE G 110 -17.17 12.19 -15.34
C PHE G 110 -18.03 11.83 -16.54
N PHE G 111 -17.62 12.23 -17.74
CA PHE G 111 -18.36 11.94 -18.96
C PHE G 111 -17.78 10.75 -19.72
N GLY G 112 -16.88 9.98 -19.08
CA GLY G 112 -16.28 8.85 -19.73
C GLY G 112 -17.17 7.62 -19.71
N PRO G 113 -16.66 6.53 -20.30
CA PRO G 113 -17.48 5.32 -20.43
C PRO G 113 -17.50 4.45 -19.17
N GLY G 114 -16.45 4.52 -18.37
CA GLY G 114 -16.34 3.66 -17.20
C GLY G 114 -15.45 2.47 -17.44
N ILE G 115 -15.52 1.52 -16.51
CA ILE G 115 -14.67 0.34 -16.58
C ILE G 115 -15.18 -0.62 -17.66
N GLU G 116 -16.49 -0.87 -17.68
CA GLU G 116 -17.04 -1.89 -18.57
C GLU G 116 -17.11 -1.45 -20.02
N GLY G 117 -17.36 -0.16 -20.28
CA GLY G 117 -17.52 0.34 -21.63
C GLY G 117 -16.26 0.92 -22.24
N LEU G 118 -15.11 0.56 -21.67
CA LEU G 118 -13.82 1.14 -22.06
C LEU G 118 -13.19 0.44 -23.26
N TYR G 119 -13.73 -0.70 -23.69
CA TYR G 119 -13.04 -1.59 -24.62
C TYR G 119 -13.86 -1.75 -25.89
N THR G 120 -13.16 -1.86 -27.02
CA THR G 120 -13.76 -2.20 -28.31
C THR G 120 -13.18 -3.52 -28.80
N ALA G 121 -14.04 -4.35 -29.39
CA ALA G 121 -13.60 -5.60 -29.98
C ALA G 121 -13.14 -5.38 -31.42
N GLY G 122 -12.16 -6.18 -31.84
CA GLY G 122 -11.64 -6.10 -33.18
C GLY G 122 -11.05 -7.42 -33.60
N LEU G 123 -10.62 -7.49 -34.86
CA LEU G 123 -10.11 -8.73 -35.43
C LEU G 123 -8.82 -8.44 -36.18
N ILE G 124 -7.79 -9.25 -35.92
CA ILE G 124 -6.54 -9.19 -36.66
C ILE G 124 -6.57 -10.26 -37.74
N LYS G 125 -6.36 -9.85 -38.99
CA LYS G 125 -6.41 -10.76 -40.12
C LYS G 125 -5.08 -11.48 -40.29
N ASN G 126 -5.15 -12.75 -40.72
CA ASN G 126 -3.99 -13.62 -40.85
C ASN G 126 -3.62 -13.65 -42.34
N GLN G 127 -2.74 -12.75 -42.75
CA GLN G 127 -2.43 -12.55 -44.16
C GLN G 127 -1.06 -13.07 -44.58
N ASN G 128 -0.04 -12.96 -43.72
CA ASN G 128 1.28 -13.49 -44.01
C ASN G 128 1.82 -14.29 -42.83
N ASN G 129 1.00 -15.20 -42.30
CA ASN G 129 1.25 -15.94 -41.06
C ASN G 129 1.54 -14.99 -39.90
N LEU G 130 0.70 -13.94 -39.80
CA LEU G 130 0.88 -12.91 -38.79
C LEU G 130 0.58 -13.43 -37.39
N VAL G 131 -0.56 -14.11 -37.24
CA VAL G 131 -1.04 -14.52 -35.91
C VAL G 131 -0.15 -15.61 -35.33
N CYS G 132 0.32 -16.54 -36.19
CA CYS G 132 1.22 -17.61 -35.74
C CYS G 132 2.55 -17.05 -35.25
N ARG G 133 3.10 -16.06 -35.96
CA ARG G 133 4.33 -15.42 -35.58
C ARG G 133 4.16 -14.39 -34.47
N LEU G 134 2.93 -14.08 -34.06
CA LEU G 134 2.72 -13.41 -32.78
C LEU G 134 2.56 -14.37 -31.61
N ARG G 135 1.92 -15.53 -31.84
CA ARG G 135 1.72 -16.50 -30.76
C ARG G 135 3.06 -17.12 -30.34
N ARG G 136 3.90 -17.50 -31.31
CA ARG G 136 5.23 -18.00 -30.95
C ARG G 136 6.11 -16.89 -30.40
N LEU G 137 5.86 -15.63 -30.82
CA LEU G 137 6.57 -14.51 -30.25
C LEU G 137 6.31 -14.36 -28.76
N ALA G 138 5.05 -14.51 -28.35
CA ALA G 138 4.72 -14.52 -26.92
C ALA G 138 5.35 -15.72 -26.22
N ASN G 139 5.38 -16.88 -26.89
CA ASN G 139 5.82 -18.10 -26.23
C ASN G 139 7.33 -18.09 -25.97
N GLN G 140 8.15 -17.54 -26.88
CA GLN G 140 9.54 -17.31 -26.44
C GLN G 140 9.80 -15.94 -25.81
N THR G 141 8.83 -15.02 -25.77
CA THR G 141 9.04 -13.76 -25.05
C THR G 141 8.91 -13.96 -23.54
N ALA G 142 8.00 -14.84 -23.13
CA ALA G 142 7.75 -15.09 -21.71
C ALA G 142 8.96 -15.70 -21.00
N LYS G 143 9.85 -16.37 -21.73
CA LYS G 143 11.05 -16.91 -21.11
C LYS G 143 12.04 -15.79 -20.75
N SER G 144 12.16 -14.77 -21.61
CA SER G 144 13.07 -13.67 -21.35
C SER G 144 12.51 -12.68 -20.34
N LEU G 145 11.19 -12.50 -20.31
CA LEU G 145 10.58 -11.47 -19.46
C LEU G 145 10.57 -11.88 -17.98
N GLU G 146 10.44 -13.18 -17.71
CA GLU G 146 10.26 -13.63 -16.34
C GLU G 146 11.55 -13.53 -15.54
N LEU G 147 12.70 -13.78 -16.18
CA LEU G 147 14.00 -13.55 -15.54
C LEU G 147 14.19 -12.08 -15.18
N LEU G 148 13.67 -11.18 -16.02
CA LEU G 148 13.73 -9.76 -15.71
C LEU G 148 12.83 -9.40 -14.55
N LEU G 149 11.67 -10.05 -14.45
CA LEU G 149 10.82 -9.88 -13.27
C LEU G 149 11.45 -10.46 -12.00
N ARG G 150 12.31 -11.46 -12.13
CA ARG G 150 13.04 -12.02 -10.98
C ARG G 150 14.01 -11.02 -10.35
N VAL G 151 14.57 -10.11 -11.14
CA VAL G 151 15.62 -9.23 -10.63
C VAL G 151 15.03 -8.16 -9.71
N THR G 152 13.88 -7.59 -10.08
CA THR G 152 13.32 -6.47 -9.33
C THR G 152 12.73 -6.93 -7.99
N THR G 153 12.62 -5.97 -7.07
CA THR G 153 12.21 -6.24 -5.70
C THR G 153 10.80 -5.77 -5.39
N GLU G 154 10.09 -5.19 -6.36
CA GLU G 154 8.76 -4.65 -6.14
C GLU G 154 7.69 -5.63 -6.59
N GLU G 155 6.62 -5.72 -5.79
CA GLU G 155 5.52 -6.64 -6.03
C GLU G 155 4.29 -5.98 -6.64
N ARG G 156 4.34 -4.67 -6.90
CA ARG G 156 3.22 -3.99 -7.54
C ARG G 156 3.40 -4.05 -9.06
N THR G 157 2.47 -3.42 -9.79
CA THR G 157 2.47 -3.46 -11.24
C THR G 157 3.66 -2.71 -11.81
N PHE G 158 4.43 -3.40 -12.66
CA PHE G 158 5.68 -2.88 -13.21
C PHE G 158 5.55 -2.72 -14.72
N SER G 159 6.02 -1.58 -15.24
CA SER G 159 5.89 -1.23 -16.64
C SER G 159 7.20 -1.50 -17.39
N LEU G 160 7.07 -1.79 -18.67
CA LEU G 160 8.21 -2.12 -19.52
C LEU G 160 8.37 -1.21 -20.73
N ILE G 161 7.45 -0.26 -20.94
CA ILE G 161 7.42 0.54 -22.16
C ILE G 161 8.65 1.43 -22.26
N ASN G 162 9.01 2.08 -21.15
CA ASN G 162 10.19 2.94 -21.11
C ASN G 162 11.47 2.15 -21.34
N ARG G 163 11.56 0.92 -20.82
CA ARG G 163 12.75 0.10 -21.01
C ARG G 163 12.94 -0.30 -22.47
N ILE G 164 11.86 -0.65 -23.16
CA ILE G 164 11.93 -0.98 -24.58
C ILE G 164 12.32 0.25 -25.41
N ALA G 165 11.76 1.42 -25.05
CA ALA G 165 12.11 2.65 -25.79
C ALA G 165 13.57 3.04 -25.58
N ILE G 166 14.07 2.95 -24.35
CA ILE G 166 15.47 3.26 -24.07
C ILE G 166 16.41 2.23 -24.72
N ASP G 167 16.01 0.96 -24.74
CA ASP G 167 16.81 -0.05 -25.42
C ASP G 167 16.86 0.19 -26.93
N PHE G 168 15.74 0.63 -27.52
CA PHE G 168 15.72 0.96 -28.94
C PHE G 168 16.63 2.16 -29.23
N LEU G 169 16.58 3.19 -28.40
CA LEU G 169 17.48 4.33 -28.58
C LEU G 169 18.95 3.96 -28.34
N LEU G 170 19.21 3.00 -27.45
CA LEU G 170 20.58 2.63 -27.15
C LEU G 170 21.19 1.76 -28.26
N THR G 171 20.40 0.87 -28.85
CA THR G 171 20.91 0.08 -29.96
C THR G 171 20.81 0.81 -31.30
N ARG G 172 20.06 1.91 -31.38
CA ARG G 172 19.97 2.65 -32.63
C ARG G 172 21.22 3.49 -32.88
N TRP G 173 21.85 3.98 -31.82
CA TRP G 173 23.06 4.80 -31.94
C TRP G 173 24.24 3.99 -32.46
N VAL H 2 -43.67 24.38 13.89
CA VAL H 2 -43.52 25.18 15.11
C VAL H 2 -43.39 24.26 16.32
N GLN H 3 -44.44 23.49 16.59
CA GLN H 3 -44.41 22.61 17.76
C GLN H 3 -43.55 21.38 17.47
N LEU H 4 -42.51 21.19 18.25
CA LEU H 4 -41.55 20.11 18.08
C LEU H 4 -41.61 19.15 19.25
N GLN H 5 -41.18 17.91 19.00
CA GLN H 5 -41.00 16.97 20.11
C GLN H 5 -39.79 16.09 19.81
N GLU H 6 -39.15 15.64 20.90
CA GLU H 6 -37.97 14.80 20.87
C GLU H 6 -38.32 13.39 21.33
N SER H 7 -37.59 12.41 20.82
CA SER H 7 -37.78 11.02 21.23
C SER H 7 -36.48 10.26 21.04
N GLY H 8 -36.36 9.14 21.75
CA GLY H 8 -35.25 8.22 21.54
C GLY H 8 -34.19 8.19 22.62
N GLY H 9 -34.31 9.00 23.68
CA GLY H 9 -33.32 9.02 24.73
C GLY H 9 -33.46 7.83 25.67
N GLY H 10 -32.48 7.71 26.57
CA GLY H 10 -32.52 6.62 27.54
C GLY H 10 -31.17 6.45 28.23
N LEU H 11 -31.01 5.29 28.85
CA LEU H 11 -29.83 4.94 29.64
C LEU H 11 -29.02 3.90 28.89
N VAL H 12 -27.74 4.20 28.65
CA VAL H 12 -26.82 3.29 27.98
C VAL H 12 -25.51 3.23 28.74
N GLN H 13 -24.73 2.19 28.45
CA GLN H 13 -23.39 2.06 29.00
C GLN H 13 -22.40 2.90 28.19
N ALA H 14 -21.15 2.94 28.67
CA ALA H 14 -20.10 3.66 27.97
C ALA H 14 -19.73 2.93 26.69
N GLY H 15 -19.55 3.70 25.61
CA GLY H 15 -19.27 3.13 24.30
C GLY H 15 -20.49 2.72 23.52
N GLY H 16 -21.69 2.94 24.05
CA GLY H 16 -22.91 2.56 23.37
C GLY H 16 -23.32 3.57 22.31
N SER H 17 -24.51 3.32 21.74
CA SER H 17 -25.03 4.14 20.66
C SER H 17 -26.53 4.38 20.87
N LEU H 18 -27.00 5.53 20.40
CA LEU H 18 -28.41 5.86 20.44
C LEU H 18 -28.79 6.63 19.18
N ARG H 19 -30.09 6.75 18.95
CA ARG H 19 -30.60 7.53 17.82
C ARG H 19 -31.83 8.30 18.28
N LEU H 20 -31.73 9.63 18.25
CA LEU H 20 -32.81 10.52 18.63
C LEU H 20 -33.55 11.07 17.42
N SER H 21 -34.86 11.19 17.55
CA SER H 21 -35.74 11.70 16.52
C SER H 21 -36.38 13.01 16.98
N CYS H 22 -36.58 13.93 16.05
CA CYS H 22 -37.22 15.21 16.32
C CYS H 22 -38.28 15.43 15.26
N THR H 23 -39.54 15.50 15.68
CA THR H 23 -40.64 15.65 14.74
C THR H 23 -41.42 16.93 15.03
N ALA H 24 -42.09 17.41 13.99
CA ALA H 24 -42.94 18.60 14.08
C ALA H 24 -44.36 18.23 13.68
N SER H 25 -45.33 18.72 14.46
CA SER H 25 -46.73 18.39 14.24
C SER H 25 -47.38 19.34 13.25
N ARG H 26 -47.41 20.64 13.57
CA ARG H 26 -48.08 21.64 12.75
C ARG H 26 -47.09 22.55 12.03
N GLY H 27 -45.86 22.10 11.81
CA GLY H 27 -44.90 22.92 11.11
C GLY H 27 -44.12 22.12 10.10
N THR H 28 -44.03 22.62 8.87
CA THR H 28 -43.20 21.97 7.88
C THR H 28 -41.76 22.42 8.09
N ILE H 29 -40.85 21.46 8.31
CA ILE H 29 -39.48 21.80 8.67
C ILE H 29 -38.63 22.16 7.47
N SER H 30 -39.19 22.18 6.26
CA SER H 30 -38.46 22.58 5.06
C SER H 30 -38.28 24.09 4.93
N LEU H 31 -38.61 24.88 5.95
CA LEU H 31 -38.32 26.31 5.97
C LEU H 31 -37.44 26.71 7.14
N TYR H 32 -36.90 25.76 7.89
CA TYR H 32 -36.13 26.04 9.10
C TYR H 32 -34.79 25.32 9.05
N ALA H 33 -33.77 25.94 9.65
CA ALA H 33 -32.51 25.26 9.92
C ALA H 33 -32.54 24.73 11.35
N MET H 34 -32.19 23.46 11.54
CA MET H 34 -32.49 22.82 12.81
C MET H 34 -31.26 22.26 13.49
N ALA H 35 -31.30 22.25 14.81
CA ALA H 35 -30.13 21.99 15.64
C ALA H 35 -30.50 21.16 16.85
N TRP H 36 -29.50 20.43 17.35
CA TRP H 36 -29.57 19.71 18.60
C TRP H 36 -28.64 20.36 19.62
N PHE H 37 -29.15 20.51 20.84
CA PHE H 37 -28.43 21.03 22.00
C PHE H 37 -28.53 20.04 23.15
N ARG H 38 -27.76 20.30 24.20
CA ARG H 38 -27.86 19.51 25.42
C ARG H 38 -27.57 20.41 26.62
N GLN H 39 -28.08 19.99 27.77
CA GLN H 39 -27.84 20.68 29.02
C GLN H 39 -27.65 19.67 30.15
N ALA H 40 -26.58 19.84 30.91
CA ALA H 40 -26.24 19.07 32.09
C ALA H 40 -26.75 19.77 33.34
N PRO H 41 -27.03 19.03 34.42
CA PRO H 41 -27.40 19.68 35.68
C PRO H 41 -26.23 20.46 36.27
N GLY H 42 -26.46 21.75 36.53
CA GLY H 42 -25.43 22.63 37.00
C GLY H 42 -24.58 23.26 35.93
N LYS H 43 -24.91 23.06 34.65
CA LYS H 43 -24.15 23.63 33.55
C LYS H 43 -25.09 24.36 32.61
N GLU H 44 -24.50 25.19 31.75
CA GLU H 44 -25.26 25.92 30.75
C GLU H 44 -25.62 25.00 29.58
N ARG H 45 -26.50 25.50 28.72
CA ARG H 45 -27.02 24.74 27.59
C ARG H 45 -26.09 24.93 26.39
N GLU H 46 -25.47 23.84 25.94
CA GLU H 46 -24.38 23.89 24.97
C GLU H 46 -24.81 23.37 23.62
N PHE H 47 -24.11 23.83 22.58
CA PHE H 47 -24.37 23.40 21.21
C PHE H 47 -23.86 21.99 20.99
N VAL H 48 -24.57 21.22 20.17
CA VAL H 48 -24.12 19.90 19.78
C VAL H 48 -24.00 19.83 18.26
N ALA H 49 -25.10 20.03 17.53
CA ALA H 49 -25.06 19.86 16.08
C ALA H 49 -26.11 20.74 15.42
N ALA H 50 -25.93 21.00 14.13
CA ALA H 50 -26.89 21.81 13.36
C ALA H 50 -26.83 21.45 11.88
N ILE H 51 -27.97 21.64 11.20
CA ILE H 51 -28.12 21.28 9.78
C ILE H 51 -28.96 22.36 9.08
N SER H 52 -28.62 22.64 7.81
CA SER H 52 -29.10 23.77 7.03
C SER H 52 -30.35 23.40 6.23
N ARG H 53 -30.75 24.27 5.28
CA ARG H 53 -32.09 24.11 4.68
C ARG H 53 -32.09 23.97 3.15
N PHE H 54 -31.18 24.62 2.43
CA PHE H 54 -31.04 24.31 1.00
C PHE H 54 -30.28 23.02 0.75
N TYR H 55 -30.56 22.46 -0.41
CA TYR H 55 -29.74 21.44 -1.05
C TYR H 55 -28.84 22.12 -2.07
N ASN H 56 -27.70 21.48 -2.36
CA ASN H 56 -26.70 22.14 -3.20
C ASN H 56 -26.12 21.17 -4.24
N ASP H 57 -26.81 20.04 -4.48
CA ASP H 57 -26.36 18.90 -5.27
C ASP H 57 -25.07 18.35 -4.68
N PHE H 58 -23.94 18.99 -4.96
CA PHE H 58 -22.72 18.69 -4.23
C PHE H 58 -22.73 19.46 -2.91
N ILE H 59 -22.20 18.80 -1.86
CA ILE H 59 -22.30 19.21 -0.45
C ILE H 59 -23.77 19.52 -0.17
N GLY H 60 -24.59 18.47 -0.11
CA GLY H 60 -26.04 18.56 -0.04
C GLY H 60 -26.62 19.42 1.06
N TYR H 61 -26.50 18.98 2.31
CA TYR H 61 -26.91 19.77 3.46
C TYR H 61 -25.68 20.09 4.30
N SER H 62 -25.41 21.38 4.47
CA SER H 62 -24.24 21.80 5.24
C SER H 62 -24.55 21.68 6.72
N THR H 63 -23.67 21.01 7.45
CA THR H 63 -23.85 20.72 8.86
C THR H 63 -22.72 21.34 9.67
N ASN H 64 -22.89 21.34 10.98
CA ASN H 64 -21.87 21.83 11.90
C ASN H 64 -21.99 21.08 13.21
N TYR H 65 -20.85 20.85 13.86
CA TYR H 65 -20.78 20.09 15.10
C TYR H 65 -19.90 20.80 16.10
N ALA H 66 -20.18 20.56 17.38
CA ALA H 66 -19.29 21.00 18.44
C ALA H 66 -18.04 20.13 18.48
N ASP H 67 -16.95 20.69 19.02
CA ASP H 67 -15.65 20.04 18.94
C ASP H 67 -15.57 18.78 19.81
N SER H 68 -16.36 18.69 20.86
CA SER H 68 -16.33 17.51 21.71
C SER H 68 -17.06 16.32 21.10
N VAL H 69 -17.90 16.54 20.08
CA VAL H 69 -18.74 15.51 19.50
C VAL H 69 -18.40 15.24 18.04
N ARG H 70 -17.30 15.79 17.53
CA ARG H 70 -16.88 15.50 16.16
C ARG H 70 -16.39 14.06 16.04
N ALA H 71 -16.65 13.47 14.87
CA ALA H 71 -16.34 12.10 14.46
C ALA H 71 -17.05 11.04 15.30
N ARG H 72 -18.00 11.41 16.15
CA ARG H 72 -18.82 10.49 16.92
C ARG H 72 -20.30 10.66 16.67
N PHE H 73 -20.77 11.90 16.57
CA PHE H 73 -22.19 12.18 16.40
C PHE H 73 -22.43 12.55 14.95
N THR H 74 -23.61 12.21 14.43
CA THR H 74 -24.01 12.70 13.12
C THR H 74 -25.46 13.17 13.18
N ILE H 75 -25.74 14.23 12.43
CA ILE H 75 -27.08 14.81 12.33
C ILE H 75 -27.58 14.56 10.92
N SER H 76 -28.90 14.42 10.78
CA SER H 76 -29.50 14.18 9.47
C SER H 76 -30.95 14.65 9.49
N ARG H 77 -31.51 14.81 8.30
CA ARG H 77 -32.91 15.19 8.18
C ARG H 77 -33.55 14.48 7.00
N ASP H 78 -34.85 14.21 7.15
CA ASP H 78 -35.67 13.68 6.07
C ASP H 78 -36.85 14.63 5.91
N ASN H 79 -36.97 15.23 4.72
CA ASN H 79 -37.95 16.26 4.46
C ASN H 79 -39.36 15.71 4.26
N ALA H 80 -39.49 14.55 3.61
CA ALA H 80 -40.81 13.98 3.37
C ALA H 80 -41.41 13.42 4.64
N GLU H 81 -40.57 12.83 5.51
CA GLU H 81 -41.02 12.37 6.81
C GLU H 81 -41.07 13.49 7.85
N ASN H 82 -40.56 14.68 7.51
CA ASN H 82 -40.59 15.89 8.36
C ASN H 82 -39.89 15.64 9.70
N THR H 83 -38.68 15.08 9.63
CA THR H 83 -38.01 14.56 10.83
C THR H 83 -36.52 14.90 10.79
N VAL H 84 -35.95 15.18 11.96
CA VAL H 84 -34.51 15.39 12.10
C VAL H 84 -33.97 14.37 13.08
N TYR H 85 -32.99 13.57 12.64
CA TYR H 85 -32.38 12.55 13.46
C TYR H 85 -30.98 12.96 13.90
N LEU H 86 -30.56 12.43 15.05
CA LEU H 86 -29.16 12.45 15.43
C LEU H 86 -28.79 11.04 15.85
N LEU H 87 -27.77 10.48 15.20
CA LEU H 87 -27.19 9.20 15.57
C LEU H 87 -25.92 9.46 16.36
N MET H 88 -25.90 9.04 17.62
CA MET H 88 -24.72 9.14 18.47
C MET H 88 -24.07 7.78 18.67
N ASN H 89 -22.75 7.75 18.48
CA ASN H 89 -21.94 6.54 18.55
C ASN H 89 -20.77 6.80 19.50
N ASN H 90 -20.31 5.72 20.16
CA ASN H 90 -19.16 5.72 21.07
C ASN H 90 -19.34 6.75 22.20
N LEU H 91 -20.33 6.48 23.05
CA LEU H 91 -20.67 7.41 24.13
C LEU H 91 -19.71 7.31 25.31
N LYS H 92 -19.40 8.46 25.88
CA LYS H 92 -18.65 8.73 27.08
C LYS H 92 -19.59 9.19 28.18
N PRO H 93 -19.23 9.00 29.46
CA PRO H 93 -20.12 9.48 30.54
C PRO H 93 -20.17 10.99 30.70
N GLU H 94 -19.33 11.74 29.99
CA GLU H 94 -19.43 13.20 29.96
C GLU H 94 -20.55 13.70 29.05
N ASP H 95 -21.19 12.81 28.29
CA ASP H 95 -22.27 13.17 27.38
C ASP H 95 -23.65 13.06 28.02
N THR H 96 -23.72 12.77 29.32
CA THR H 96 -24.99 12.60 30.02
C THR H 96 -25.66 13.96 30.19
N ALA H 97 -26.80 14.16 29.54
CA ALA H 97 -27.48 15.46 29.53
C ALA H 97 -28.91 15.28 29.06
N SER H 98 -29.68 16.37 29.17
CA SER H 98 -30.99 16.46 28.56
C SER H 98 -30.85 17.14 27.20
N TYR H 99 -31.29 16.47 26.15
CA TYR H 99 -31.09 16.92 24.79
C TYR H 99 -32.35 17.60 24.26
N TYR H 100 -32.15 18.68 23.51
CA TYR H 100 -33.21 19.56 23.04
C TYR H 100 -33.08 19.80 21.54
N CYS H 101 -34.22 20.03 20.90
CA CYS H 101 -34.31 20.26 19.47
C CYS H 101 -34.77 21.69 19.22
N ALA H 102 -34.18 22.35 18.22
CA ALA H 102 -34.50 23.75 17.98
C ALA H 102 -34.43 24.05 16.49
N ALA H 103 -35.08 25.16 16.11
CA ALA H 103 -35.14 25.59 14.71
C ALA H 103 -34.97 27.10 14.63
N SER H 104 -34.47 27.57 13.49
CA SER H 104 -34.36 28.98 13.19
C SER H 104 -34.82 29.29 11.78
N THR H 105 -35.32 30.51 11.60
CA THR H 105 -35.58 31.10 10.29
C THR H 105 -34.74 32.35 10.04
N GLU H 106 -34.00 32.81 11.05
CA GLU H 106 -33.11 33.98 10.92
C GLU H 106 -32.00 33.71 9.92
N TRP H 107 -31.28 32.60 10.12
CA TRP H 107 -30.38 32.06 9.10
C TRP H 107 -31.15 31.20 8.10
N ALA H 108 -30.41 30.36 7.37
CA ALA H 108 -30.87 29.44 6.34
C ALA H 108 -31.38 30.15 5.08
N SER H 109 -31.01 31.42 4.90
CA SER H 109 -31.16 32.08 3.61
C SER H 109 -29.85 31.91 2.84
N GLU H 110 -29.71 32.65 1.73
CA GLU H 110 -28.54 32.66 0.86
C GLU H 110 -28.28 31.23 0.36
N SER H 111 -27.23 30.57 0.83
CA SER H 111 -26.88 29.19 0.49
C SER H 111 -25.88 28.65 1.50
N LEU H 112 -25.04 27.69 1.06
CA LEU H 112 -23.98 26.99 1.81
C LEU H 112 -23.30 27.80 2.90
N GLN H 113 -23.46 27.33 4.14
CA GLN H 113 -22.90 28.07 5.30
C GLN H 113 -21.58 27.44 5.72
N TYR H 114 -20.47 28.06 5.33
CA TYR H 114 -19.13 27.50 5.65
C TYR H 114 -18.70 28.01 7.01
N GLY H 115 -17.91 27.22 7.74
CA GLY H 115 -17.37 27.68 9.02
C GLY H 115 -18.39 27.61 10.14
N ASN H 116 -17.94 27.83 11.38
CA ASN H 116 -18.85 27.76 12.56
C ASN H 116 -20.07 28.64 12.31
N TRP H 117 -21.21 28.03 12.01
CA TRP H 117 -22.44 28.76 11.85
C TRP H 117 -23.51 28.15 12.75
N GLY H 118 -24.44 28.99 13.19
CA GLY H 118 -25.54 28.53 14.02
C GLY H 118 -25.11 28.02 15.38
N HIS H 119 -23.99 28.51 15.90
CA HIS H 119 -23.44 28.06 17.16
C HIS H 119 -24.03 28.78 18.36
N GLU H 120 -24.90 29.76 18.14
CA GLU H 120 -25.47 30.56 19.21
C GLU H 120 -26.76 29.90 19.70
N SER H 121 -27.46 30.58 20.61
CA SER H 121 -28.72 30.10 21.14
C SER H 121 -29.80 31.17 21.19
N SER H 122 -29.48 32.44 20.90
CA SER H 122 -30.46 33.52 20.97
C SER H 122 -31.34 33.60 19.73
N LYS H 123 -31.01 32.88 18.66
CA LYS H 123 -31.83 32.87 17.46
C LYS H 123 -32.67 31.61 17.32
N TYR H 124 -32.25 30.51 17.93
CA TYR H 124 -33.07 29.30 17.99
C TYR H 124 -34.29 29.51 18.87
N ALA H 125 -35.43 29.02 18.39
CA ALA H 125 -36.69 29.07 19.11
C ALA H 125 -37.39 27.74 18.96
N ASN H 126 -38.60 27.66 19.52
CA ASN H 126 -39.47 26.48 19.47
C ASN H 126 -38.80 25.24 20.05
N TRP H 127 -38.21 25.41 21.24
CA TRP H 127 -37.59 24.31 21.95
C TRP H 127 -38.62 23.29 22.40
N GLY H 128 -38.27 22.01 22.26
CA GLY H 128 -39.11 20.94 22.77
C GLY H 128 -38.87 20.69 24.24
N GLN H 129 -39.56 19.67 24.76
CA GLN H 129 -39.38 19.29 26.15
C GLN H 129 -38.10 18.52 26.39
N GLY H 130 -37.45 18.02 25.33
CA GLY H 130 -36.18 17.34 25.46
C GLY H 130 -36.35 15.90 25.92
N THR H 131 -35.24 15.17 25.85
CA THR H 131 -35.21 13.80 26.35
C THR H 131 -33.88 13.55 27.06
N GLN H 132 -33.90 12.65 28.03
CA GLN H 132 -32.74 12.42 28.89
C GLN H 132 -31.87 11.31 28.31
N VAL H 133 -30.59 11.63 28.08
CA VAL H 133 -29.60 10.65 27.66
C VAL H 133 -28.60 10.51 28.79
N THR H 134 -28.47 9.30 29.32
CA THR H 134 -27.61 9.03 30.47
C THR H 134 -26.64 7.93 30.11
N VAL H 135 -25.35 8.22 30.22
CA VAL H 135 -24.28 7.28 29.94
C VAL H 135 -23.55 7.02 31.25
N SER H 136 -23.64 5.80 31.75
CA SER H 136 -23.02 5.45 33.03
C SER H 136 -22.71 3.95 33.04
N SER H 137 -21.82 3.58 33.94
CA SER H 137 -21.43 2.17 34.09
C SER H 137 -22.33 1.46 35.10
N VAL I 2 -21.00 -47.67 6.05
CA VAL I 2 -22.45 -47.68 5.84
C VAL I 2 -23.13 -46.88 6.94
N GLN I 3 -22.92 -47.29 8.20
CA GLN I 3 -23.54 -46.58 9.32
C GLN I 3 -22.68 -45.39 9.74
N LEU I 4 -23.34 -44.29 10.06
CA LEU I 4 -22.70 -43.03 10.40
C LEU I 4 -23.24 -42.53 11.73
N GLN I 5 -22.47 -41.66 12.39
CA GLN I 5 -23.01 -40.95 13.54
C GLN I 5 -22.40 -39.55 13.60
N GLU I 6 -23.18 -38.63 14.18
CA GLU I 6 -22.83 -37.23 14.34
C GLU I 6 -22.52 -36.93 15.80
N SER I 7 -21.63 -35.97 16.03
CA SER I 7 -21.31 -35.54 17.38
C SER I 7 -20.86 -34.08 17.36
N GLY I 8 -20.96 -33.43 18.52
CA GLY I 8 -20.42 -32.10 18.71
C GLY I 8 -21.43 -30.98 18.80
N GLY I 9 -22.73 -31.27 18.70
CA GLY I 9 -23.74 -30.23 18.78
C GLY I 9 -23.97 -29.73 20.19
N GLY I 10 -24.75 -28.66 20.30
CA GLY I 10 -25.05 -28.11 21.61
C GLY I 10 -25.66 -26.71 21.49
N LEU I 11 -25.63 -26.00 22.60
CA LEU I 11 -26.22 -24.67 22.74
C LEU I 11 -25.10 -23.63 22.85
N VAL I 12 -25.14 -22.63 21.98
CA VAL I 12 -24.17 -21.54 21.98
C VAL I 12 -24.91 -20.22 21.83
N GLN I 13 -24.20 -19.14 22.15
CA GLN I 13 -24.72 -17.80 21.96
C GLN I 13 -24.49 -17.34 20.52
N ALA I 14 -25.03 -16.17 20.19
CA ALA I 14 -24.84 -15.60 18.86
C ALA I 14 -23.40 -15.15 18.67
N GLY I 15 -22.85 -15.45 17.50
CA GLY I 15 -21.46 -15.16 17.21
C GLY I 15 -20.48 -16.22 17.67
N GLY I 16 -20.96 -17.32 18.25
CA GLY I 16 -20.10 -18.37 18.74
C GLY I 16 -19.63 -19.30 17.63
N SER I 17 -18.90 -20.33 18.04
CA SER I 17 -18.31 -21.28 17.11
C SER I 17 -18.49 -22.69 17.65
N LEU I 18 -18.60 -23.65 16.73
CA LEU I 18 -18.68 -25.06 17.10
C LEU I 18 -17.93 -25.88 16.06
N ARG I 19 -17.71 -27.16 16.38
CA ARG I 19 -17.12 -28.09 15.44
C ARG I 19 -17.85 -29.42 15.53
N LEU I 20 -18.46 -29.84 14.43
CA LEU I 20 -19.16 -31.11 14.38
C LEU I 20 -18.26 -32.18 13.78
N SER I 21 -18.37 -33.40 14.32
CA SER I 21 -17.64 -34.55 13.82
C SER I 21 -18.64 -35.59 13.30
N CYS I 22 -18.24 -36.27 12.23
CA CYS I 22 -19.06 -37.31 11.60
C CYS I 22 -18.18 -38.53 11.37
N THR I 23 -18.55 -39.64 11.99
CA THR I 23 -17.72 -40.84 11.96
C THR I 23 -18.51 -42.02 11.42
N ALA I 24 -17.78 -42.99 10.86
CA ALA I 24 -18.33 -44.25 10.40
C ALA I 24 -17.54 -45.40 11.01
N SER I 25 -18.24 -46.41 11.51
CA SER I 25 -17.58 -47.54 12.17
C SER I 25 -17.29 -48.67 11.17
N ARG I 26 -18.33 -49.18 10.51
CA ARG I 26 -18.18 -50.27 9.55
C ARG I 26 -18.18 -49.78 8.11
N GLY I 27 -17.73 -48.54 7.88
CA GLY I 27 -17.68 -48.01 6.53
C GLY I 27 -16.47 -47.15 6.27
N THR I 28 -15.71 -47.49 5.24
CA THR I 28 -14.57 -46.67 4.84
C THR I 28 -15.07 -45.49 4.02
N ILE I 29 -14.80 -44.26 4.51
CA ILE I 29 -15.38 -43.07 3.90
C ILE I 29 -14.63 -42.60 2.67
N SER I 30 -13.57 -43.30 2.27
CA SER I 30 -12.76 -42.89 1.12
C SER I 30 -13.35 -43.32 -0.22
N LEU I 31 -14.55 -43.90 -0.23
CA LEU I 31 -15.24 -44.24 -1.46
C LEU I 31 -16.50 -43.43 -1.69
N TYR I 32 -16.89 -42.58 -0.75
CA TYR I 32 -18.12 -41.81 -0.82
C TYR I 32 -17.82 -40.32 -0.74
N ALA I 33 -18.71 -39.51 -1.31
CA ALA I 33 -18.72 -38.07 -1.09
C ALA I 33 -19.76 -37.75 -0.03
N MET I 34 -19.41 -36.92 0.93
CA MET I 34 -20.29 -36.71 2.07
C MET I 34 -20.65 -35.25 2.30
N ALA I 35 -21.82 -35.07 2.88
CA ALA I 35 -22.46 -33.77 2.98
C ALA I 35 -23.07 -33.60 4.36
N TRP I 36 -23.16 -32.33 4.76
CA TRP I 36 -23.87 -31.91 5.95
C TRP I 36 -25.14 -31.18 5.54
N PHE I 37 -26.25 -31.55 6.18
CA PHE I 37 -27.56 -30.93 6.02
C PHE I 37 -28.06 -30.46 7.38
N ARG I 38 -29.14 -29.68 7.36
CA ARG I 38 -29.79 -29.29 8.59
C ARG I 38 -31.30 -29.22 8.35
N GLN I 39 -32.05 -29.34 9.44
CA GLN I 39 -33.50 -29.23 9.39
C GLN I 39 -34.00 -28.48 10.62
N ALA I 40 -34.80 -27.46 10.40
CA ALA I 40 -35.48 -26.67 11.41
C ALA I 40 -36.88 -27.24 11.66
N PRO I 41 -37.44 -27.03 12.86
CA PRO I 41 -38.83 -27.45 13.09
C PRO I 41 -39.80 -26.61 12.27
N GLY I 42 -40.65 -27.30 11.50
CA GLY I 42 -41.57 -26.64 10.60
C GLY I 42 -41.01 -26.29 9.25
N LYS I 43 -39.78 -26.71 8.94
CA LYS I 43 -39.14 -26.42 7.67
C LYS I 43 -38.61 -27.71 7.05
N GLU I 44 -38.32 -27.63 5.75
CA GLU I 44 -37.74 -28.75 5.05
C GLU I 44 -36.25 -28.88 5.36
N ARG I 45 -35.68 -29.99 4.93
CA ARG I 45 -34.28 -30.33 5.22
C ARG I 45 -33.39 -29.74 4.12
N GLU I 46 -32.56 -28.78 4.50
CA GLU I 46 -31.82 -27.95 3.56
C GLU I 46 -30.35 -28.34 3.49
N PHE I 47 -29.74 -28.08 2.34
CA PHE I 47 -28.32 -28.31 2.13
C PHE I 47 -27.49 -27.30 2.91
N VAL I 48 -26.36 -27.76 3.44
CA VAL I 48 -25.40 -26.86 4.09
C VAL I 48 -24.06 -26.95 3.38
N ALA I 49 -23.45 -28.13 3.36
CA ALA I 49 -22.11 -28.26 2.77
C ALA I 49 -21.92 -29.66 2.23
N ALA I 50 -20.93 -29.80 1.34
CA ALA I 50 -20.59 -31.12 0.77
C ALA I 50 -19.12 -31.14 0.38
N ILE I 51 -18.53 -32.34 0.43
CA ILE I 51 -17.13 -32.57 0.09
C ILE I 51 -17.00 -33.87 -0.70
N SER I 52 -16.05 -33.88 -1.65
CA SER I 52 -15.90 -34.91 -2.67
C SER I 52 -14.97 -36.03 -2.21
N ARG I 53 -14.54 -36.89 -3.15
CA ARG I 53 -13.90 -38.16 -2.84
C ARG I 53 -12.52 -38.35 -3.44
N PHE I 54 -12.23 -37.80 -4.62
CA PHE I 54 -10.87 -37.86 -5.16
C PHE I 54 -10.05 -36.63 -4.78
N TYR I 55 -8.73 -36.84 -4.76
CA TYR I 55 -7.74 -35.79 -4.58
C TYR I 55 -7.21 -35.35 -5.95
N ASN I 56 -6.67 -34.13 -6.00
CA ASN I 56 -6.32 -33.55 -7.29
C ASN I 56 -4.98 -32.80 -7.23
N ASP I 57 -4.19 -33.00 -6.16
CA ASP I 57 -2.94 -32.31 -5.84
C ASP I 57 -3.20 -30.82 -5.66
N PHE I 58 -3.37 -30.10 -6.77
CA PHE I 58 -3.90 -28.76 -6.73
C PHE I 58 -5.43 -28.83 -6.70
N ILE I 59 -6.03 -27.94 -5.90
CA ILE I 59 -7.45 -27.94 -5.51
C ILE I 59 -7.77 -29.35 -5.01
N GLY I 60 -7.29 -29.66 -3.81
CA GLY I 60 -7.29 -31.00 -3.25
C GLY I 60 -8.61 -31.74 -3.20
N TYR I 61 -9.54 -31.29 -2.37
CA TYR I 61 -10.86 -31.88 -2.27
C TYR I 61 -11.91 -30.86 -2.66
N SER I 62 -12.79 -31.25 -3.57
CA SER I 62 -13.82 -30.35 -4.09
C SER I 62 -14.92 -30.19 -3.06
N THR I 63 -15.19 -28.94 -2.70
CA THR I 63 -16.19 -28.60 -1.69
C THR I 63 -17.28 -27.72 -2.31
N ASN I 64 -18.42 -27.69 -1.64
CA ASN I 64 -19.52 -26.83 -2.03
C ASN I 64 -20.31 -26.43 -0.79
N TYR I 65 -20.85 -25.22 -0.81
CA TYR I 65 -21.57 -24.67 0.34
C TYR I 65 -22.86 -24.02 -0.13
N ALA I 66 -23.84 -24.00 0.77
CA ALA I 66 -25.05 -23.22 0.55
C ALA I 66 -24.75 -21.74 0.74
N ASP I 67 -25.56 -20.89 0.11
CA ASP I 67 -25.27 -19.46 0.04
C ASP I 67 -25.41 -18.76 1.39
N SER I 68 -26.24 -19.29 2.28
CA SER I 68 -26.40 -18.68 3.59
C SER I 68 -25.24 -18.95 4.53
N VAL I 69 -24.41 -19.95 4.22
CA VAL I 69 -23.34 -20.38 5.10
C VAL I 69 -21.95 -20.19 4.48
N ARG I 70 -21.86 -19.50 3.36
CA ARG I 70 -20.57 -19.20 2.75
C ARG I 70 -19.78 -18.22 3.60
N ALA I 71 -18.46 -18.39 3.62
CA ALA I 71 -17.45 -17.63 4.36
C ALA I 71 -17.62 -17.73 5.89
N ARG I 72 -18.43 -18.66 6.37
CA ARG I 72 -18.60 -18.91 7.80
C ARG I 72 -18.35 -20.36 8.18
N PHE I 73 -18.78 -21.30 7.35
CA PHE I 73 -18.67 -22.73 7.65
C PHE I 73 -17.56 -23.33 6.81
N THR I 74 -16.82 -24.29 7.37
CA THR I 74 -15.75 -24.97 6.65
C THR I 74 -15.84 -26.46 6.88
N ILE I 75 -15.97 -27.22 5.79
CA ILE I 75 -16.03 -28.68 5.84
C ILE I 75 -14.61 -29.20 5.67
N SER I 76 -14.36 -30.40 6.22
CA SER I 76 -13.04 -31.02 6.18
C SER I 76 -13.19 -32.53 6.18
N ARG I 77 -12.24 -33.22 5.55
CA ARG I 77 -12.21 -34.68 5.48
C ARG I 77 -10.85 -35.19 5.94
N ASP I 78 -10.85 -36.20 6.81
CA ASP I 78 -9.64 -36.94 7.15
C ASP I 78 -9.94 -38.41 6.88
N ASN I 79 -9.25 -38.98 5.89
CA ASN I 79 -9.48 -40.37 5.51
C ASN I 79 -8.83 -41.36 6.46
N ALA I 80 -7.69 -40.99 7.06
CA ALA I 80 -6.99 -41.90 7.96
C ALA I 80 -7.76 -42.09 9.25
N GLU I 81 -8.32 -41.01 9.80
CA GLU I 81 -9.16 -41.10 10.99
C GLU I 81 -10.61 -41.45 10.67
N ASN I 82 -10.95 -41.53 9.37
CA ASN I 82 -12.27 -41.90 8.86
C ASN I 82 -13.34 -40.93 9.38
N THR I 83 -13.04 -39.63 9.30
CA THR I 83 -13.86 -38.58 9.90
C THR I 83 -14.12 -37.47 8.91
N VAL I 84 -15.28 -36.81 9.09
CA VAL I 84 -15.63 -35.60 8.35
C VAL I 84 -16.05 -34.54 9.37
N TYR I 85 -15.40 -33.38 9.33
CA TYR I 85 -15.65 -32.32 10.30
C TYR I 85 -16.29 -31.11 9.62
N LEU I 86 -17.05 -30.36 10.42
CA LEU I 86 -17.55 -29.04 10.00
C LEU I 86 -17.24 -28.06 11.12
N LEU I 87 -16.39 -27.08 10.83
CA LEU I 87 -16.10 -25.98 11.74
C LEU I 87 -17.04 -24.83 11.38
N MET I 88 -17.96 -24.50 12.29
CA MET I 88 -18.89 -23.40 12.10
C MET I 88 -18.46 -22.21 12.94
N ASN I 89 -18.44 -21.03 12.31
CA ASN I 89 -17.96 -19.80 12.91
C ASN I 89 -18.98 -18.70 12.67
N ASN I 90 -19.07 -17.77 13.64
CA ASN I 90 -19.95 -16.60 13.61
C ASN I 90 -21.42 -17.00 13.42
N LEU I 91 -21.93 -17.71 14.42
CA LEU I 91 -23.27 -18.27 14.33
C LEU I 91 -24.34 -17.22 14.60
N LYS I 92 -25.40 -17.30 13.83
CA LYS I 92 -26.63 -16.51 13.89
C LYS I 92 -27.76 -17.36 14.46
N PRO I 93 -28.79 -16.75 15.06
CA PRO I 93 -29.92 -17.55 15.57
C PRO I 93 -30.80 -18.17 14.49
N GLU I 94 -30.60 -17.83 13.21
CA GLU I 94 -31.26 -18.51 12.11
C GLU I 94 -30.63 -19.85 11.78
N ASP I 95 -29.49 -20.19 12.38
CA ASP I 95 -28.79 -21.44 12.13
C ASP I 95 -29.20 -22.54 13.10
N THR I 96 -30.18 -22.28 13.97
CA THR I 96 -30.63 -23.28 14.95
C THR I 96 -31.39 -24.40 14.24
N ALA I 97 -30.84 -25.61 14.27
CA ALA I 97 -31.41 -26.73 13.54
C ALA I 97 -30.83 -28.04 14.07
N SER I 98 -31.41 -29.14 13.60
CA SER I 98 -30.82 -30.46 13.77
C SER I 98 -29.97 -30.77 12.55
N TYR I 99 -28.70 -31.04 12.76
CA TYR I 99 -27.73 -31.24 11.70
C TYR I 99 -27.54 -32.73 11.45
N TYR I 100 -27.42 -33.09 10.18
CA TYR I 100 -27.36 -34.47 9.72
C TYR I 100 -26.17 -34.66 8.78
N CYS I 101 -25.63 -35.86 8.79
CA CYS I 101 -24.49 -36.25 7.96
C CYS I 101 -24.93 -37.33 6.99
N ALA I 102 -24.58 -37.16 5.71
CA ALA I 102 -25.07 -38.05 4.68
C ALA I 102 -23.93 -38.41 3.73
N ALA I 103 -24.07 -39.57 3.09
CA ALA I 103 -23.08 -40.10 2.17
C ALA I 103 -23.73 -40.41 0.83
N SER I 104 -22.93 -40.33 -0.24
CA SER I 104 -23.39 -40.67 -1.57
C SER I 104 -22.25 -41.31 -2.36
N THR I 105 -22.61 -42.33 -3.15
CA THR I 105 -21.71 -42.93 -4.11
C THR I 105 -22.22 -42.81 -5.54
N GLU I 106 -23.27 -42.03 -5.76
CA GLU I 106 -23.82 -41.85 -7.10
C GLU I 106 -22.87 -41.02 -7.97
N TRP I 107 -22.64 -39.77 -7.57
CA TRP I 107 -21.56 -38.98 -8.14
C TRP I 107 -20.25 -39.29 -7.40
N ALA I 108 -19.27 -38.38 -7.53
CA ALA I 108 -17.89 -38.41 -7.06
C ALA I 108 -17.04 -39.43 -7.81
N SER I 109 -17.51 -39.91 -8.96
CA SER I 109 -16.67 -40.60 -9.91
C SER I 109 -16.07 -39.55 -10.86
N GLU I 110 -15.39 -40.03 -11.91
CA GLU I 110 -14.64 -39.25 -12.89
C GLU I 110 -13.64 -38.35 -12.15
N SER I 111 -13.99 -37.09 -11.92
CA SER I 111 -13.03 -36.15 -11.35
C SER I 111 -13.78 -34.98 -10.72
N LEU I 112 -13.07 -33.85 -10.55
CA LEU I 112 -13.49 -32.55 -10.00
C LEU I 112 -14.90 -32.16 -10.37
N GLN I 113 -15.67 -31.77 -9.34
CA GLN I 113 -17.07 -31.35 -9.56
C GLN I 113 -17.15 -29.83 -9.41
N TYR I 114 -17.01 -29.11 -10.53
CA TYR I 114 -17.05 -27.62 -10.49
C TYR I 114 -18.50 -27.18 -10.42
N GLY I 115 -18.76 -26.06 -9.75
CA GLY I 115 -20.13 -25.50 -9.72
C GLY I 115 -21.03 -26.25 -8.77
N ASN I 116 -22.24 -25.74 -8.55
CA ASN I 116 -23.20 -26.38 -7.61
C ASN I 116 -23.29 -27.88 -7.89
N TRP I 117 -22.80 -28.70 -6.98
CA TRP I 117 -22.89 -30.15 -7.12
C TRP I 117 -23.30 -30.76 -5.79
N GLY I 118 -24.05 -31.86 -5.88
CA GLY I 118 -24.53 -32.56 -4.69
C GLY I 118 -25.47 -31.74 -3.84
N HIS I 119 -26.23 -30.84 -4.45
CA HIS I 119 -27.09 -29.92 -3.72
C HIS I 119 -28.48 -30.49 -3.42
N GLU I 120 -28.80 -31.68 -3.94
CA GLU I 120 -30.12 -32.27 -3.72
C GLU I 120 -30.03 -33.28 -2.57
N SER I 121 -31.12 -33.98 -2.32
CA SER I 121 -31.20 -34.94 -1.22
C SER I 121 -31.64 -36.33 -1.63
N SER I 122 -32.05 -36.55 -2.89
CA SER I 122 -32.59 -37.84 -3.30
C SER I 122 -31.52 -38.89 -3.55
N LYS I 123 -30.25 -38.51 -3.62
CA LYS I 123 -29.17 -39.46 -3.84
C LYS I 123 -28.32 -39.72 -2.61
N TYR I 124 -28.32 -38.80 -1.65
CA TYR I 124 -27.70 -39.06 -0.36
C TYR I 124 -28.49 -40.09 0.42
N ALA I 125 -27.77 -41.05 0.99
CA ALA I 125 -28.34 -42.09 1.85
C ALA I 125 -27.54 -42.14 3.14
N ASN I 126 -27.92 -43.10 3.99
CA ASN I 126 -27.23 -43.42 5.26
C ASN I 126 -27.20 -42.21 6.21
N TRP I 127 -28.36 -41.58 6.38
CA TRP I 127 -28.51 -40.47 7.30
C TRP I 127 -28.34 -40.95 8.75
N GLY I 128 -27.58 -40.18 9.53
CA GLY I 128 -27.43 -40.46 10.94
C GLY I 128 -28.59 -39.92 11.74
N GLN I 129 -28.50 -40.10 13.06
CA GLN I 129 -29.53 -39.60 13.96
C GLN I 129 -29.48 -38.09 14.14
N GLY I 130 -28.36 -37.45 13.77
CA GLY I 130 -28.26 -36.01 13.82
C GLY I 130 -27.93 -35.50 15.21
N THR I 131 -27.66 -34.20 15.27
CA THR I 131 -27.38 -33.55 16.55
C THR I 131 -27.97 -32.14 16.54
N GLN I 132 -28.34 -31.66 17.72
CA GLN I 132 -29.06 -30.40 17.84
C GLN I 132 -28.07 -29.27 18.05
N VAL I 133 -28.10 -28.26 17.17
CA VAL I 133 -27.32 -27.05 17.32
C VAL I 133 -28.30 -25.91 17.53
N THR I 134 -28.18 -25.22 18.66
CA THR I 134 -29.10 -24.15 19.03
C THR I 134 -28.31 -22.89 19.31
N VAL I 135 -28.63 -21.82 18.58
CA VAL I 135 -28.01 -20.52 18.74
C VAL I 135 -29.07 -19.56 19.24
N SER I 136 -28.91 -19.07 20.47
CA SER I 136 -29.90 -18.19 21.08
C SER I 136 -29.21 -17.31 22.12
N SER I 137 -29.88 -16.22 22.46
CA SER I 137 -29.36 -15.28 23.45
C SER I 137 -29.82 -15.66 24.85
C1 NAG J . -15.67 -15.35 -8.37
C2 NAG J . -16.88 -14.44 -8.62
C3 NAG J . -17.05 -13.50 -7.43
C4 NAG J . -17.06 -14.24 -6.08
C5 NAG J . -15.89 -15.24 -6.01
C6 NAG J . -15.92 -16.14 -4.81
C7 NAG J . -17.58 -13.79 -10.90
C8 NAG J . -17.24 -12.90 -12.06
N2 NAG J . -16.75 -13.69 -9.85
O3 NAG J . -18.22 -12.75 -7.64
O4 NAG J . -16.93 -13.27 -5.06
O5 NAG J . -15.89 -16.05 -7.18
O6 NAG J . -14.93 -17.13 -4.93
O7 NAG J . -18.57 -14.51 -10.91
C1 NAG J . -18.19 -13.14 -4.35
C2 NAG J . -17.89 -12.82 -2.88
C3 NAG J . -19.20 -12.49 -2.14
C4 NAG J . -20.07 -11.48 -2.88
C5 NAG J . -20.24 -11.94 -4.34
C6 NAG J . -21.04 -11.00 -5.22
C7 NAG J . -15.94 -13.90 -1.81
C8 NAG J . -15.46 -15.18 -1.18
N2 NAG J . -17.22 -13.92 -2.24
O3 NAG J . -18.87 -12.05 -0.85
O4 NAG J . -21.31 -11.45 -2.20
O5 NAG J . -18.96 -12.12 -4.91
O6 NAG J . -20.46 -9.72 -5.19
O7 NAG J . -15.21 -12.92 -1.92
C1 BMA J . -21.74 -10.24 -1.68
C2 BMA J . -23.23 -10.05 -1.89
C3 BMA J . -23.90 -9.58 -0.62
C4 BMA J . -23.14 -8.41 0.00
C5 BMA J . -21.68 -8.80 0.24
C6 BMA J . -21.32 -8.84 1.70
O2 BMA J . -23.81 -11.28 -2.35
O3 BMA J . -24.00 -10.66 0.31
O4 BMA J . -23.18 -7.29 -0.88
O5 BMA J . -21.43 -10.12 -0.29
O6 BMA J . -22.00 -9.90 2.37
C1 NAG K . -9.20 20.49 7.27
C2 NAG K . -8.18 20.93 8.32
C3 NAG K . -7.75 19.70 9.12
C4 NAG K . -8.95 18.93 9.70
C5 NAG K . -9.99 18.68 8.60
C6 NAG K . -11.28 18.08 9.10
C7 NAG K . -6.45 22.73 8.07
C8 NAG K . -7.05 23.45 9.26
N2 NAG K . -7.04 21.56 7.70
O3 NAG K . -6.86 20.14 10.11
O4 NAG K . -8.47 17.72 10.23
O5 NAG K . -10.30 19.89 7.94
O6 NAG K . -11.87 18.93 10.07
O7 NAG K . -5.49 23.19 7.48
C1 NAG K . -8.54 17.76 11.67
C2 NAG K . -8.79 16.34 12.21
C3 NAG K . -8.72 16.34 13.73
C4 NAG K . -7.46 17.05 14.28
C5 NAG K . -7.33 18.43 13.61
C6 NAG K . -6.10 19.22 13.99
C7 NAG K . -10.23 14.87 10.84
C8 NAG K . -11.67 14.53 10.53
N2 NAG K . -10.06 15.85 11.75
O3 NAG K . -8.79 15.01 14.17
O4 NAG K . -7.64 17.17 15.66
O5 NAG K . -7.34 18.26 12.20
O6 NAG K . -4.95 18.45 13.71
O7 NAG K . -9.30 14.30 10.28
C1 BMA K . -6.72 16.55 16.50
C2 BMA K . -6.49 17.37 17.76
C3 BMA K . -6.54 16.49 18.99
C4 BMA K . -5.69 15.24 18.80
C5 BMA K . -6.14 14.48 17.56
C6 BMA K . -6.74 13.12 17.87
O2 BMA K . -7.46 18.41 17.84
O3 BMA K . -7.88 16.14 19.29
O4 BMA K . -4.32 15.59 18.66
O5 BMA K . -7.15 15.23 16.86
O6 BMA K . -8.03 13.27 18.48
C1 NAG L . 15.89 -9.53 14.44
C2 NAG L . 15.85 -11.04 14.15
C3 NAG L . 14.39 -11.48 14.04
C4 NAG L . 13.55 -11.06 15.26
C5 NAG L . 13.76 -9.56 15.55
C6 NAG L . 13.18 -9.10 16.87
C7 NAG L . 17.60 -12.23 12.89
C8 NAG L . 18.19 -12.45 11.52
N2 NAG L . 16.56 -11.37 12.94
O3 NAG L . 14.39 -12.87 13.86
O4 NAG L . 12.20 -11.33 14.95
O5 NAG L . 15.14 -9.28 15.61
O6 NAG L . 11.78 -9.20 16.85
O7 NAG L . 18.03 -12.82 13.87
C1 NAG L . 11.71 -12.40 15.80
C2 NAG L . 10.17 -12.36 15.82
C3 NAG L . 9.65 -13.53 16.66
C4 NAG L . 10.24 -14.88 16.22
C5 NAG L . 11.77 -14.77 16.14
C6 NAG L . 12.46 -16.00 15.63
C7 NAG L . 8.91 -10.25 15.63
C8 NAG L . 8.50 -9.00 16.35
N2 NAG L . 9.68 -11.11 16.33
O3 NAG L . 8.25 -13.52 16.59
O4 NAG L . 9.86 -15.82 17.20
O5 NAG L . 12.12 -13.67 15.33
O6 NAG L . 11.90 -16.37 14.39
O7 NAG L . 8.56 -10.46 14.47
C1 BMA L . 9.02 -16.88 16.82
C2 BMA L . 9.15 -18.04 17.78
C3 BMA L . 7.79 -18.54 18.21
C4 BMA L . 6.89 -18.75 17.00
C5 BMA L . 6.79 -17.47 16.18
C6 BMA L . 5.40 -16.88 16.16
O2 BMA L . 9.93 -17.65 18.92
O3 BMA L . 7.18 -17.62 19.11
O4 BMA L . 7.40 -19.79 16.17
O5 BMA L . 7.65 -16.46 16.74
O6 BMA L . 5.12 -16.16 17.36
C1 NAG M . 5.36 -22.85 -25.69
C2 NAG M . 5.22 -23.01 -24.17
C3 NAG M . 5.73 -24.40 -23.79
C4 NAG M . 5.07 -25.54 -24.59
C5 NAG M . 5.02 -25.18 -26.08
C6 NAG M . 4.15 -26.09 -26.92
C7 NAG M . 5.31 -21.14 -22.56
C8 NAG M . 6.23 -20.14 -21.91
N2 NAG M . 5.91 -21.99 -23.43
O3 NAG M . 5.51 -24.50 -22.41
O4 NAG M . 5.85 -26.71 -24.45
O5 NAG M . 4.56 -23.85 -26.27
O6 NAG M . 4.14 -25.65 -28.26
O7 NAG M . 4.12 -21.16 -22.32
C1 NAG M . 5.32 -27.61 -23.46
C2 NAG M . 5.26 -29.04 -24.01
C3 NAG M . 4.84 -30.01 -22.90
C4 NAG M . 5.75 -29.88 -21.67
C5 NAG M . 5.76 -28.41 -21.22
C6 NAG M . 6.67 -28.12 -20.06
C7 NAG M . 4.71 -29.70 -26.32
C8 NAG M . 3.60 -29.75 -27.35
N2 NAG M . 4.36 -29.17 -25.13
O3 NAG M . 4.85 -31.31 -23.45
O4 NAG M . 5.24 -30.74 -20.66
O5 NAG M . 6.14 -27.59 -22.31
O6 NAG M . 6.19 -28.75 -18.90
O7 NAG M . 5.84 -30.11 -26.57
C1 BMA M . 5.96 -31.90 -20.42
C2 BMA M . 6.23 -32.02 -18.96
C3 BMA M . 7.20 -33.16 -18.71
C4 BMA M . 7.31 -34.15 -19.87
C5 BMA M . 6.05 -34.25 -20.80
C6 BMA M . 5.13 -35.39 -20.40
O2 BMA M . 5.01 -32.22 -18.27
O3 BMA M . 6.83 -33.82 -17.51
O4 BMA M . 8.43 -33.81 -20.70
O5 BMA M . 5.25 -33.05 -20.81
O6 BMA M . 5.33 -36.49 -21.28
C1 MAN M . 7.34 -33.21 -16.37
C2 MAN M . 8.30 -34.20 -15.68
C3 MAN M . 7.92 -34.40 -14.21
C4 MAN M . 6.42 -34.72 -14.04
C5 MAN M . 5.56 -33.71 -14.82
C6 MAN M . 4.62 -32.97 -13.89
O2 MAN M . 9.60 -33.65 -15.80
O3 MAN M . 8.28 -33.23 -13.51
O4 MAN M . 6.23 -36.04 -14.50
O5 MAN M . 6.38 -32.74 -15.47
O6 MAN M . 4.35 -31.70 -14.44
C1 MAN M . 4.17 -37.01 -21.88
C2 MAN M . 4.44 -38.50 -22.15
C3 MAN M . 4.11 -38.86 -23.61
C4 MAN M . 4.86 -37.95 -24.59
C5 MAN M . 4.68 -36.46 -24.21
C6 MAN M . 4.05 -35.66 -25.33
O2 MAN M . 3.63 -39.23 -21.25
O3 MAN M . 2.72 -38.77 -23.77
O4 MAN M . 6.22 -38.32 -24.56
O5 MAN M . 3.82 -36.33 -23.07
O6 MAN M . 3.87 -34.34 -24.91
C1 NAG N . -10.20 26.35 -20.51
C2 NAG N . -10.95 25.10 -20.00
C3 NAG N . -12.44 25.22 -20.35
C4 NAG N . -13.04 26.57 -19.93
C5 NAG N . -12.09 27.74 -20.25
C6 NAG N . -12.51 29.06 -19.63
C7 NAG N . -9.98 22.81 -19.77
C8 NAG N . -10.16 22.90 -18.26
N2 NAG N . -10.38 23.87 -20.50
O3 NAG N . -13.09 24.14 -19.74
O4 NAG N . -14.24 26.73 -20.67
O5 NAG N . -10.76 27.45 -19.83
O6 NAG N . -12.58 28.93 -18.23
O7 NAG N . -9.51 21.80 -20.27
C1 NAG N . -15.41 26.52 -19.85
C2 NAG N . -16.49 27.52 -20.28
C3 NAG N . -17.80 27.24 -19.53
C4 NAG N . -18.23 25.78 -19.67
C5 NAG N . -17.06 24.87 -19.25
C6 NAG N . -17.31 23.39 -19.42
C7 NAG N . -15.88 29.77 -21.08
C8 NAG N . -15.45 31.15 -20.64
N2 NAG N . -16.08 28.88 -20.09
O3 NAG N . -18.77 28.14 -20.00
O4 NAG N . -19.36 25.60 -18.85
O5 NAG N . -15.90 25.21 -20.00
O6 NAG N . -18.32 22.97 -18.53
O7 NAG N . -16.03 29.49 -22.26
C1 BMA N . -20.57 25.43 -19.52
C2 BMA N . -21.38 24.43 -18.77
C3 BMA N . -22.50 23.96 -19.64
C4 BMA N . -22.96 25.02 -20.67
C5 BMA N . -22.54 26.48 -20.40
C6 BMA N . -23.62 27.28 -19.69
O2 BMA N . -21.86 25.01 -17.56
O3 BMA N . -23.58 23.55 -18.81
O4 BMA N . -22.49 24.65 -21.97
O5 BMA N . -21.34 26.62 -19.60
O6 BMA N . -24.50 27.87 -20.64
C1 MAN N . -23.52 22.20 -18.46
C2 MAN N . -24.35 21.42 -19.49
C3 MAN N . -25.38 20.52 -18.79
C4 MAN N . -26.22 21.30 -17.79
C5 MAN N . -25.33 22.13 -16.84
C6 MAN N . -25.53 21.73 -15.40
O2 MAN N . -23.44 20.66 -20.25
O3 MAN N . -24.68 19.47 -18.17
O4 MAN N . -27.10 22.13 -18.53
O5 MAN N . -23.95 21.93 -17.14
O6 MAN N . -24.32 21.23 -14.88
C1 MAN N . -24.05 29.09 -21.17
C2 MAN N . -25.20 30.10 -21.06
C3 MAN N . -25.50 30.79 -22.39
C4 MAN N . -24.22 31.24 -23.11
C5 MAN N . -23.26 30.04 -23.26
C6 MAN N . -21.86 30.38 -22.79
O2 MAN N . -24.83 31.03 -20.07
O3 MAN N . -26.36 31.87 -22.13
O4 MAN N . -24.61 31.76 -24.35
O5 MAN N . -23.71 28.90 -22.53
O6 MAN N . -21.54 31.68 -23.20
C1 NAG O . 33.09 10.40 3.47
C2 NAG O . 32.01 10.20 4.55
C3 NAG O . 32.27 11.23 5.64
C4 NAG O . 33.68 11.12 6.24
C5 NAG O . 34.74 10.92 5.14
C6 NAG O . 36.06 10.38 5.68
C7 NAG O . 29.61 9.52 4.19
C8 NAG O . 29.88 8.20 4.87
N2 NAG O . 30.65 10.38 4.07
O3 NAG O . 31.23 11.08 6.56
O4 NAG O . 33.99 12.33 6.91
O5 NAG O . 34.29 10.03 4.12
O6 NAG O . 36.96 10.17 4.62
O7 NAG O . 28.50 9.78 3.74
C1 NAG O . 33.68 12.29 8.32
C2 NAG O . 34.86 12.89 9.11
C3 NAG O . 34.47 13.03 10.58
C4 NAG O . 33.17 13.83 10.74
C5 NAG O . 32.07 13.15 9.90
C6 NAG O . 30.76 13.89 9.89
C7 NAG O . 37.20 12.50 8.43
C8 NAG O . 38.32 11.49 8.44
N2 NAG O . 36.04 12.08 9.00
O3 NAG O . 35.55 13.64 11.24
O4 NAG O . 32.85 13.87 12.12
O5 NAG O . 32.51 13.03 8.56
O6 NAG O . 30.12 13.78 11.14
O7 NAG O . 37.35 13.61 7.96
C1 BMA O . 32.95 15.16 12.64
C2 BMA O . 31.84 15.38 13.60
C3 BMA O . 31.77 16.84 13.94
C4 BMA O . 33.13 17.54 13.90
C5 BMA O . 34.36 16.59 14.02
C6 BMA O . 34.65 16.16 15.43
O2 BMA O . 32.02 14.56 14.77
O3 BMA O . 31.16 16.99 15.22
O4 BMA O . 33.25 18.28 12.67
O5 BMA O . 34.22 15.37 13.25
O6 BMA O . 35.18 14.81 15.46
C1 MAN O . 29.80 17.24 15.14
C2 MAN O . 29.56 18.66 15.69
C3 MAN O . 28.49 18.65 16.77
C4 MAN O . 28.78 17.60 17.86
C5 MAN O . 29.08 16.23 17.22
C6 MAN O . 28.09 15.18 17.68
O2 MAN O . 29.20 19.47 14.60
O3 MAN O . 27.25 18.41 16.14
O4 MAN O . 29.87 18.08 18.61
O5 MAN O . 29.00 16.30 15.80
O6 MAN O . 28.76 13.96 17.84
C1 MAN O . 36.54 14.60 15.72
C2 MAN O . 36.81 14.92 17.20
C3 MAN O . 38.28 14.62 17.53
C4 MAN O . 39.27 15.26 16.56
C5 MAN O . 38.81 15.17 15.08
C6 MAN O . 39.14 13.84 14.44
O2 MAN O . 35.92 14.13 17.95
O3 MAN O . 38.41 13.22 17.60
O4 MAN O . 39.44 16.60 16.96
O5 MAN O . 37.41 15.39 14.93
O6 MAN O . 40.54 13.65 14.46
#